data_2X50
#
_entry.id   2X50
#
_cell.length_a   102.323
_cell.length_b   102.323
_cell.length_c   193.561
_cell.angle_alpha   90.00
_cell.angle_beta   90.00
_cell.angle_gamma   90.00
#
_symmetry.space_group_name_H-M   'P 41'
#
loop_
_entity.id
_entity.type
_entity.pdbx_description
1 polymer 'TRYPANOTHIONE REDUCTASE'
2 non-polymer 'FLAVIN-ADENINE DINUCLEOTIDE'
3 non-polymer 'NADPH DIHYDRO-NICOTINAMIDE-ADENINE-DINUCLEOTIDE PHOSPHATE'
4 non-polymer 'SILVER ION'
5 non-polymer 'SULFATE ION'
6 water water
#
_entity_poly.entity_id   1
_entity_poly.type   'polypeptide(L)'
_entity_poly.pdbx_seq_one_letter_code
;MGSSHHHHHHSSGLVPRGSHMSRAYDLVVLGAGSGGLEAGWNAAVTHKKKVAVVDVQATHGPPLFAALGGTCVNVGCVPK
KLMVTGAQYMDLIRESGGFGWEMDRESLCPNWKTLIAAKNKVVNSINESYKSMFADTEGLSFHMGFGALQDAHTVVVRKS
EDPHSDVLETLDTEYILIATGSWPTRLGVPGDEFCITSNEAFYLEDAPKRMLCVGGGYIAVEFAGIFNGYKPCGGYVDLC
YRGDLILRGFDTEVRKSLTKQLGANGIRVRTNLNPTKITKNEDGSNHVHFNDGTEEDYDQVMLAIGRVPRSQALQLDKAG
VRTGKNGAVQVDAYSKTSVDNIYAIGDVTNRVMLTPVAINEGAAFVETVFGGKPRATDHTKVACAVFSIPPIGTCGMTEE
EAAKNYETVAVYASSFTPLMHNISGSKHKEFMIRIITNESNGEVLGVHMLGDSAPEIIQSVGICMKMGAKISDFHSTIGV
HPTSAEELCSMRTPAYFYESGKRVEKLSSN
;
_entity_poly.pdbx_strand_id   A,B
#
# COMPACT_ATOMS: atom_id res chain seq x y z
N SER A 22 18.72 1.60 -47.81
CA SER A 22 18.59 3.08 -47.78
C SER A 22 19.73 3.75 -46.99
N ARG A 23 19.75 3.51 -45.67
CA ARG A 23 20.84 3.98 -44.81
C ARG A 23 21.02 3.12 -43.54
N ALA A 24 22.12 3.35 -42.83
CA ALA A 24 22.60 2.46 -41.75
C ALA A 24 21.57 2.08 -40.67
N TYR A 25 20.98 3.08 -40.03
CA TYR A 25 20.03 2.85 -38.93
C TYR A 25 18.67 3.50 -39.18
N ASP A 26 17.62 2.90 -38.64
CA ASP A 26 16.29 3.49 -38.67
C ASP A 26 16.15 4.55 -37.58
N LEU A 27 16.83 4.32 -36.46
CA LEU A 27 16.72 5.18 -35.29
C LEU A 27 18.06 5.27 -34.55
N VAL A 28 18.46 6.49 -34.21
CA VAL A 28 19.55 6.70 -33.26
C VAL A 28 18.98 7.43 -32.04
N VAL A 29 19.04 6.75 -30.89
CA VAL A 29 18.57 7.32 -29.63
C VAL A 29 19.77 7.84 -28.85
N LEU A 30 19.79 9.15 -28.61
CA LEU A 30 20.81 9.76 -27.77
C LEU A 30 20.36 9.71 -26.31
N GLY A 31 20.85 8.71 -25.59
CA GLY A 31 20.50 8.52 -24.20
C GLY A 31 19.83 7.18 -23.97
N ALA A 32 20.50 6.32 -23.22
CA ALA A 32 19.97 5.01 -22.86
C ALA A 32 19.20 5.10 -21.54
N GLY A 33 18.23 6.01 -21.51
CA GLY A 33 17.47 6.30 -20.29
C GLY A 33 16.21 5.49 -20.14
N SER A 34 15.34 5.94 -19.23
CA SER A 34 14.05 5.30 -19.00
C SER A 34 13.22 5.30 -20.27
N GLY A 35 13.16 6.46 -20.91
CA GLY A 35 12.44 6.63 -22.17
C GLY A 35 13.23 6.18 -23.37
N GLY A 36 14.53 6.49 -23.39
CA GLY A 36 15.41 6.09 -24.48
C GLY A 36 15.41 4.60 -24.75
N LEU A 37 15.61 3.82 -23.68
CA LEU A 37 15.61 2.35 -23.76
C LEU A 37 14.24 1.75 -24.05
N GLU A 38 13.18 2.47 -23.68
CA GLU A 38 11.82 2.04 -24.03
C GLU A 38 11.62 2.14 -25.54
N ALA A 39 11.99 3.30 -26.09
CA ALA A 39 11.85 3.54 -27.53
C ALA A 39 12.76 2.64 -28.36
N GLY A 40 13.97 2.42 -27.86
CA GLY A 40 14.93 1.54 -28.52
C GLY A 40 14.40 0.12 -28.65
N TRP A 41 14.13 -0.51 -27.51
CA TRP A 41 13.63 -1.87 -27.46
C TRP A 41 12.38 -2.08 -28.30
N ASN A 42 11.42 -1.16 -28.19
CA ASN A 42 10.14 -1.27 -28.91
C ASN A 42 10.28 -1.25 -30.42
N ALA A 43 11.03 -0.27 -30.93
CA ALA A 43 11.27 -0.15 -32.36
C ALA A 43 12.01 -1.38 -32.89
N ALA A 44 12.94 -1.89 -32.10
CA ALA A 44 13.78 -3.01 -32.50
C ALA A 44 13.08 -4.37 -32.44
N VAL A 45 12.30 -4.60 -31.39
CA VAL A 45 11.68 -5.91 -31.18
C VAL A 45 10.31 -6.03 -31.86
N THR A 46 9.39 -5.13 -31.51
CA THR A 46 8.01 -5.19 -32.02
C THR A 46 7.82 -4.57 -33.40
N HIS A 47 8.92 -4.12 -34.02
CA HIS A 47 8.87 -3.55 -35.37
C HIS A 47 10.06 -3.93 -36.25
N LYS A 48 11.05 -4.60 -35.66
CA LYS A 48 12.25 -5.07 -36.37
C LYS A 48 12.96 -3.96 -37.14
N LYS A 49 13.35 -2.91 -36.41
CA LYS A 49 14.07 -1.78 -36.99
C LYS A 49 15.53 -1.80 -36.54
N LYS A 50 16.41 -1.24 -37.37
CA LYS A 50 17.82 -1.11 -37.02
C LYS A 50 17.99 0.08 -36.08
N VAL A 51 18.18 -0.21 -34.80
CA VAL A 51 18.21 0.81 -33.76
C VAL A 51 19.60 0.93 -33.12
N ALA A 52 20.11 2.15 -33.07
CA ALA A 52 21.36 2.45 -32.37
C ALA A 52 21.05 3.26 -31.12
N VAL A 53 21.63 2.85 -29.99
CA VAL A 53 21.47 3.58 -28.74
C VAL A 53 22.83 4.09 -28.26
N VAL A 54 22.90 5.38 -27.96
CA VAL A 54 24.15 6.03 -27.57
C VAL A 54 24.09 6.43 -26.09
N ASP A 55 25.14 6.08 -25.34
CA ASP A 55 25.26 6.51 -23.96
C ASP A 55 26.72 6.62 -23.49
N VAL A 56 26.91 7.30 -22.37
CA VAL A 56 28.23 7.65 -21.86
C VAL A 56 29.07 6.44 -21.41
N GLN A 57 28.42 5.49 -20.74
CA GLN A 57 29.10 4.31 -20.20
C GLN A 57 28.12 3.16 -19.96
N ALA A 58 28.65 1.99 -19.60
CA ALA A 58 27.84 0.78 -19.46
C ALA A 58 27.45 0.46 -18.02
N THR A 59 28.33 0.77 -17.07
CA THR A 59 28.03 0.56 -15.65
C THR A 59 28.14 1.86 -14.86
N HIS A 60 27.34 1.96 -13.79
CA HIS A 60 27.32 3.13 -12.91
C HIS A 60 28.72 3.46 -12.36
N GLY A 61 28.97 4.73 -12.06
CA GLY A 61 30.27 5.16 -11.55
C GLY A 61 30.52 6.66 -11.52
N PRO A 62 31.17 7.14 -10.45
CA PRO A 62 31.42 8.57 -10.15
C PRO A 62 31.81 9.48 -11.33
N PRO A 63 32.94 9.21 -12.03
CA PRO A 63 33.44 10.23 -12.97
C PRO A 63 32.33 10.88 -13.82
N LEU A 64 31.54 10.05 -14.49
CA LEU A 64 30.33 10.48 -15.20
C LEU A 64 29.21 9.58 -14.68
N PHE A 65 28.35 10.13 -13.84
CA PHE A 65 27.49 9.33 -12.96
C PHE A 65 26.51 8.37 -13.66
N ALA A 66 25.67 8.91 -14.55
CA ALA A 66 24.67 8.12 -15.26
C ALA A 66 25.31 7.10 -16.21
N ALA A 67 24.57 6.04 -16.52
CA ALA A 67 25.05 5.01 -17.43
C ALA A 67 23.91 4.37 -18.23
N LEU A 68 24.15 3.14 -18.68
CA LEU A 68 23.15 2.32 -19.36
C LEU A 68 22.00 2.08 -18.40
N GLY A 69 20.83 2.63 -18.73
CA GLY A 69 19.68 2.60 -17.84
C GLY A 69 19.22 4.00 -17.43
N GLY A 70 20.03 4.99 -17.78
CA GLY A 70 19.72 6.39 -17.49
C GLY A 70 19.99 6.79 -16.05
N THR A 71 19.53 7.99 -15.69
CA THR A 71 19.62 8.47 -14.31
C THR A 71 18.83 7.54 -13.40
N CYS A 72 17.61 7.24 -13.80
CA CYS A 72 16.66 6.52 -12.95
C CYS A 72 17.21 5.20 -12.39
N VAL A 73 17.98 4.49 -13.22
CA VAL A 73 18.56 3.19 -12.81
C VAL A 73 19.83 3.38 -11.98
N ASN A 74 20.70 4.28 -12.43
CA ASN A 74 22.04 4.43 -11.87
C ASN A 74 22.14 5.40 -10.69
N VAL A 75 21.54 6.58 -10.84
CA VAL A 75 21.58 7.63 -9.82
C VAL A 75 20.20 8.25 -9.59
N GLY A 76 19.16 7.42 -9.64
CA GLY A 76 17.78 7.88 -9.56
C GLY A 76 16.91 7.00 -8.70
N CYS A 77 15.71 6.69 -9.21
CA CYS A 77 14.69 5.98 -8.42
C CYS A 77 15.25 4.73 -7.75
N VAL A 78 15.88 3.87 -8.54
CA VAL A 78 16.33 2.56 -8.06
C VAL A 78 17.22 2.66 -6.80
N PRO A 79 18.40 3.31 -6.91
CA PRO A 79 19.25 3.42 -5.72
C PRO A 79 18.62 4.24 -4.59
N LYS A 80 17.90 5.31 -4.96
CA LYS A 80 17.20 6.15 -3.99
C LYS A 80 16.28 5.32 -3.10
N LYS A 81 15.43 4.50 -3.74
CA LYS A 81 14.46 3.67 -3.03
C LYS A 81 15.16 2.68 -2.09
N LEU A 82 16.25 2.08 -2.56
CA LEU A 82 17.06 1.16 -1.76
C LEU A 82 17.57 1.85 -0.50
N MET A 83 18.00 3.10 -0.64
CA MET A 83 18.54 3.86 0.48
C MET A 83 17.45 4.39 1.43
N VAL A 84 16.29 4.73 0.87
CA VAL A 84 15.13 5.15 1.67
C VAL A 84 14.58 3.97 2.49
N THR A 85 14.60 2.77 1.89
CA THR A 85 14.16 1.54 2.57
C THR A 85 15.10 1.19 3.72
N GLY A 86 16.39 1.46 3.52
CA GLY A 86 17.40 1.21 4.55
C GLY A 86 17.19 2.10 5.75
N ALA A 87 16.93 3.38 5.47
CA ALA A 87 16.73 4.39 6.52
C ALA A 87 15.49 4.13 7.36
N GLN A 88 14.45 3.59 6.72
CA GLN A 88 13.18 3.28 7.40
C GLN A 88 13.31 2.26 8.52
N TYR A 89 14.41 1.51 8.52
CA TYR A 89 14.67 0.53 9.56
C TYR A 89 14.97 1.19 10.90
N MET A 90 15.45 2.43 10.87
CA MET A 90 15.70 3.19 12.10
C MET A 90 14.42 3.32 12.90
N ASP A 91 13.35 3.75 12.24
CA ASP A 91 12.03 3.80 12.85
C ASP A 91 11.56 2.42 13.26
N LEU A 92 11.62 1.47 12.32
CA LEU A 92 11.12 0.11 12.52
C LEU A 92 11.79 -0.66 13.65
N ILE A 93 13.10 -0.47 13.82
CA ILE A 93 13.83 -1.10 14.92
C ILE A 93 13.40 -0.47 16.25
N ARG A 94 13.31 0.85 16.29
CA ARG A 94 12.83 1.57 17.46
C ARG A 94 11.39 1.16 17.81
N GLU A 95 10.52 1.15 16.79
CA GLU A 95 9.10 0.83 16.95
C GLU A 95 8.83 -0.59 17.42
N SER A 96 9.76 -1.50 17.17
CA SER A 96 9.59 -2.92 17.51
C SER A 96 9.55 -3.15 19.02
N GLY A 97 10.22 -2.27 19.76
CA GLY A 97 10.29 -2.34 21.21
C GLY A 97 8.94 -2.50 21.89
N GLY A 98 8.00 -1.62 21.54
CA GLY A 98 6.65 -1.64 22.08
C GLY A 98 5.92 -2.95 21.89
N PHE A 99 6.29 -3.70 20.84
CA PHE A 99 5.66 -4.99 20.53
C PHE A 99 6.36 -6.17 21.21
N GLY A 100 7.44 -5.87 21.93
CA GLY A 100 8.14 -6.89 22.73
C GLY A 100 9.50 -7.31 22.21
N TRP A 101 10.02 -6.56 21.24
CA TRP A 101 11.32 -6.88 20.64
C TRP A 101 12.45 -6.13 21.35
N GLU A 102 13.19 -6.87 22.17
CA GLU A 102 14.23 -6.28 23.03
C GLU A 102 15.63 -6.53 22.47
N MET A 103 16.45 -5.49 22.52
CA MET A 103 17.84 -5.54 22.03
C MET A 103 18.65 -4.31 22.48
N ASP A 104 19.95 -4.31 22.15
CA ASP A 104 20.80 -3.14 22.37
C ASP A 104 20.35 -1.99 21.46
N ARG A 105 19.90 -0.89 22.07
CA ARG A 105 19.36 0.23 21.30
C ARG A 105 20.21 1.51 21.40
N GLU A 106 20.96 1.65 22.50
CA GLU A 106 21.78 2.84 22.70
C GLU A 106 23.03 2.82 21.81
N SER A 107 23.32 3.97 21.21
CA SER A 107 24.46 4.18 20.29
C SER A 107 24.39 3.36 19.00
N LEU A 108 23.23 2.75 18.74
CA LEU A 108 23.02 1.89 17.58
C LEU A 108 22.90 2.71 16.31
N CYS A 109 23.94 2.63 15.48
CA CYS A 109 23.98 3.33 14.21
C CYS A 109 24.27 2.35 13.06
N PRO A 110 23.73 2.62 11.87
CA PRO A 110 23.87 1.69 10.76
C PRO A 110 25.21 1.81 10.05
N ASN A 111 25.55 0.78 9.27
CA ASN A 111 26.76 0.78 8.48
C ASN A 111 26.48 1.33 7.08
N TRP A 112 26.99 2.53 6.82
CA TRP A 112 26.80 3.21 5.54
C TRP A 112 27.58 2.51 4.45
N LYS A 113 28.76 2.02 4.79
CA LYS A 113 29.67 1.41 3.83
C LYS A 113 29.10 0.12 3.24
N THR A 114 28.40 -0.66 4.06
CA THR A 114 27.77 -1.90 3.59
C THR A 114 26.40 -1.66 2.94
N LEU A 115 25.89 -0.44 3.06
CA LEU A 115 24.67 -0.05 2.33
C LEU A 115 25.01 0.29 0.88
N ILE A 116 25.95 1.21 0.70
CA ILE A 116 26.47 1.56 -0.63
C ILE A 116 27.01 0.33 -1.33
N ALA A 117 27.67 -0.56 -0.57
CA ALA A 117 28.19 -1.81 -1.09
C ALA A 117 27.10 -2.64 -1.76
N ALA A 118 26.01 -2.86 -1.03
CA ALA A 118 24.87 -3.65 -1.53
C ALA A 118 24.10 -2.90 -2.62
N LYS A 119 24.01 -1.58 -2.48
CA LYS A 119 23.37 -0.72 -3.47
C LYS A 119 24.08 -0.82 -4.82
N ASN A 120 25.40 -0.73 -4.80
CA ASN A 120 26.22 -0.86 -6.00
C ASN A 120 26.06 -2.23 -6.67
N LYS A 121 25.95 -3.28 -5.86
CA LYS A 121 25.81 -4.65 -6.35
C LYS A 121 24.51 -4.82 -7.13
N VAL A 122 23.45 -4.18 -6.66
CA VAL A 122 22.14 -4.24 -7.32
C VAL A 122 22.12 -3.38 -8.58
N VAL A 123 22.65 -2.17 -8.49
CA VAL A 123 22.70 -1.27 -9.64
C VAL A 123 23.54 -1.86 -10.77
N ASN A 124 24.66 -2.50 -10.41
CA ASN A 124 25.55 -3.10 -11.39
C ASN A 124 24.94 -4.31 -12.10
N SER A 125 24.15 -5.09 -11.37
CA SER A 125 23.49 -6.26 -11.94
C SER A 125 22.49 -5.82 -13.01
N ILE A 126 21.82 -4.69 -12.77
CA ILE A 126 20.90 -4.13 -13.75
C ILE A 126 21.68 -3.62 -14.96
N ASN A 127 22.83 -2.99 -14.70
CA ASN A 127 23.74 -2.58 -15.76
C ASN A 127 24.16 -3.77 -16.62
N GLU A 128 24.49 -4.88 -15.94
CA GLU A 128 24.89 -6.11 -16.60
C GLU A 128 23.72 -6.72 -17.37
N SER A 129 22.53 -6.62 -16.80
CA SER A 129 21.31 -7.15 -17.41
C SER A 129 21.02 -6.42 -18.73
N TYR A 130 21.31 -5.14 -18.79
CA TYR A 130 21.14 -4.35 -20.00
C TYR A 130 22.21 -4.65 -21.04
N LYS A 131 23.41 -5.01 -20.57
CA LYS A 131 24.51 -5.36 -21.46
C LYS A 131 24.24 -6.63 -22.26
N SER A 132 23.67 -7.64 -21.60
CA SER A 132 23.31 -8.88 -22.26
C SER A 132 22.05 -8.73 -23.11
N MET A 133 21.24 -7.73 -22.81
CA MET A 133 20.06 -7.41 -23.61
C MET A 133 20.46 -6.95 -25.02
N PHE A 134 21.44 -6.05 -25.07
CA PHE A 134 21.96 -5.53 -26.34
C PHE A 134 22.66 -6.59 -27.16
N ALA A 135 23.36 -7.50 -26.49
CA ALA A 135 24.09 -8.58 -27.16
C ALA A 135 23.18 -9.68 -27.68
N ASP A 136 21.94 -9.73 -27.17
CA ASP A 136 20.99 -10.78 -27.55
C ASP A 136 19.86 -10.29 -28.45
N THR A 137 19.51 -9.01 -28.33
CA THR A 137 18.48 -8.43 -29.19
C THR A 137 19.08 -7.93 -30.51
N GLU A 138 18.64 -8.52 -31.61
CA GLU A 138 19.10 -8.15 -32.94
C GLU A 138 18.33 -6.93 -33.45
N GLY A 139 19.06 -5.96 -33.96
CA GLY A 139 18.51 -4.65 -34.30
C GLY A 139 19.02 -3.61 -33.33
N LEU A 140 19.13 -3.99 -32.05
CA LEU A 140 19.67 -3.11 -31.01
C LEU A 140 21.18 -3.19 -30.94
N SER A 141 21.81 -2.02 -30.94
CA SER A 141 23.24 -1.90 -30.78
C SER A 141 23.57 -0.73 -29.87
N PHE A 142 24.41 -0.97 -28.88
CA PHE A 142 24.84 0.05 -27.93
C PHE A 142 26.16 0.67 -28.37
N HIS A 143 26.22 1.99 -28.35
CA HIS A 143 27.39 2.73 -28.82
C HIS A 143 27.89 3.69 -27.75
N MET A 144 28.95 3.29 -27.05
CA MET A 144 29.46 4.06 -25.92
C MET A 144 30.23 5.30 -26.35
N GLY A 145 29.89 6.42 -25.73
CA GLY A 145 30.48 7.73 -26.04
C GLY A 145 29.46 8.85 -25.94
N PHE A 146 29.91 10.08 -26.19
CA PHE A 146 29.06 11.26 -26.16
C PHE A 146 28.48 11.59 -27.52
N GLY A 147 27.17 11.34 -27.67
CA GLY A 147 26.48 11.63 -28.92
C GLY A 147 26.21 13.11 -29.09
N ALA A 148 26.36 13.59 -30.31
CA ALA A 148 26.07 14.98 -30.68
C ALA A 148 25.60 15.04 -32.12
N LEU A 149 24.73 16.00 -32.42
CA LEU A 149 24.14 16.13 -33.75
C LEU A 149 25.11 16.75 -34.78
N GLN A 150 24.94 16.33 -36.04
CA GLN A 150 25.70 16.88 -37.15
C GLN A 150 24.75 17.51 -38.15
N ASP A 151 23.71 16.75 -38.51
CA ASP A 151 22.61 17.23 -39.33
C ASP A 151 21.36 16.41 -39.06
N ALA A 152 20.35 16.57 -39.91
CA ALA A 152 19.05 15.92 -39.74
C ALA A 152 19.08 14.39 -39.84
N HIS A 153 20.24 13.83 -40.23
CA HIS A 153 20.35 12.38 -40.42
C HIS A 153 21.65 11.79 -39.86
N THR A 154 22.54 12.64 -39.39
CA THR A 154 23.84 12.21 -38.91
C THR A 154 24.05 12.53 -37.43
N VAL A 155 24.32 11.48 -36.65
CA VAL A 155 24.67 11.63 -35.24
C VAL A 155 26.11 11.19 -35.06
N VAL A 156 26.93 12.08 -34.50
CA VAL A 156 28.35 11.83 -34.29
C VAL A 156 28.60 11.43 -32.85
N VAL A 157 29.37 10.36 -32.65
CA VAL A 157 29.71 9.90 -31.31
C VAL A 157 31.17 10.22 -31.01
N ARG A 158 31.40 11.11 -30.04
CA ARG A 158 32.74 11.49 -29.61
C ARG A 158 33.09 10.82 -28.29
N LYS A 159 34.37 10.84 -27.92
CA LYS A 159 34.79 10.25 -26.64
C LYS A 159 34.61 11.21 -25.46
N SER A 160 34.41 12.49 -25.76
CA SER A 160 34.19 13.50 -24.74
C SER A 160 33.03 14.43 -25.12
N GLU A 161 32.54 15.18 -24.13
CA GLU A 161 31.49 16.18 -24.35
C GLU A 161 32.05 17.38 -25.13
N ASP A 162 33.37 17.53 -25.09
CA ASP A 162 34.12 18.48 -25.92
C ASP A 162 33.86 18.19 -27.40
N PRO A 163 33.47 19.23 -28.18
CA PRO A 163 33.18 19.05 -29.61
C PRO A 163 34.41 18.86 -30.48
N HIS A 164 35.59 18.90 -29.87
CA HIS A 164 36.86 18.77 -30.60
C HIS A 164 37.66 17.53 -30.25
N SER A 165 37.14 16.71 -29.33
CA SER A 165 37.75 15.42 -29.01
C SER A 165 37.44 14.40 -30.11
N ASP A 166 38.22 13.32 -30.14
CA ASP A 166 38.13 12.29 -31.19
C ASP A 166 36.71 11.79 -31.44
N VAL A 167 36.42 11.57 -32.72
CA VAL A 167 35.15 10.99 -33.17
C VAL A 167 35.29 9.46 -33.20
N LEU A 168 34.50 8.79 -32.37
CA LEU A 168 34.53 7.32 -32.28
C LEU A 168 33.68 6.64 -33.36
N GLU A 169 32.50 7.21 -33.62
CA GLU A 169 31.56 6.66 -34.61
C GLU A 169 30.81 7.77 -35.34
N THR A 170 30.30 7.44 -36.53
CA THR A 170 29.43 8.33 -37.28
C THR A 170 28.19 7.56 -37.75
N LEU A 171 27.08 7.76 -37.05
CA LEU A 171 25.84 7.02 -37.31
C LEU A 171 24.95 7.76 -38.30
N ASP A 172 24.43 7.02 -39.29
CA ASP A 172 23.61 7.59 -40.35
C ASP A 172 22.19 7.01 -40.28
N THR A 173 21.24 7.84 -39.86
CA THR A 173 19.91 7.36 -39.49
C THR A 173 18.73 8.07 -40.16
N GLU A 174 17.60 7.37 -40.22
CA GLU A 174 16.33 7.93 -40.71
C GLU A 174 15.72 8.85 -39.66
N TYR A 175 15.71 8.38 -38.42
CA TYR A 175 15.13 9.15 -37.30
C TYR A 175 16.12 9.35 -36.15
N ILE A 176 15.97 10.47 -35.46
CA ILE A 176 16.80 10.78 -34.29
C ILE A 176 15.87 11.04 -33.08
N LEU A 177 16.18 10.40 -31.96
CA LEU A 177 15.45 10.65 -30.72
C LEU A 177 16.39 11.09 -29.59
N ILE A 178 16.04 12.21 -28.97
CA ILE A 178 16.85 12.77 -27.88
C ILE A 178 16.24 12.38 -26.54
N ALA A 179 17.01 11.66 -25.73
CA ALA A 179 16.56 11.22 -24.41
C ALA A 179 17.70 11.32 -23.40
N THR A 180 18.44 12.42 -23.47
CA THR A 180 19.61 12.66 -22.62
C THR A 180 19.23 13.09 -21.20
N GLY A 181 17.96 13.35 -20.98
CA GLY A 181 17.44 13.66 -19.65
C GLY A 181 17.87 15.00 -19.08
N SER A 182 17.99 15.05 -17.75
CA SER A 182 18.30 16.28 -17.05
C SER A 182 19.59 16.17 -16.22
N TRP A 183 19.98 17.29 -15.62
CA TRP A 183 21.23 17.38 -14.86
C TRP A 183 21.06 18.36 -13.68
N PRO A 184 21.66 18.04 -12.51
CA PRO A 184 21.57 18.90 -11.32
C PRO A 184 21.94 20.36 -11.59
N THR A 185 21.16 21.27 -11.01
CA THR A 185 21.44 22.71 -11.07
C THR A 185 22.14 23.12 -9.79
N ARG A 186 23.14 24.00 -9.94
CA ARG A 186 23.83 24.58 -8.80
C ARG A 186 23.46 26.07 -8.67
N LEU A 187 23.81 26.67 -7.54
CA LEU A 187 23.61 28.11 -7.36
C LEU A 187 24.92 28.88 -7.48
N GLY A 188 24.90 29.96 -8.24
CA GLY A 188 26.10 30.75 -8.54
C GLY A 188 26.63 31.54 -7.36
N VAL A 189 27.28 30.84 -6.43
CA VAL A 189 27.89 31.46 -5.26
C VAL A 189 29.32 30.95 -5.06
N PRO A 190 30.20 31.77 -4.43
CA PRO A 190 31.53 31.28 -4.07
C PRO A 190 31.45 30.11 -3.09
N GLY A 191 32.13 29.02 -3.43
CA GLY A 191 32.06 27.77 -2.66
C GLY A 191 31.06 26.77 -3.21
N ASP A 192 30.57 27.05 -4.42
CA ASP A 192 29.58 26.22 -5.11
C ASP A 192 30.11 24.82 -5.42
N GLU A 193 31.39 24.76 -5.81
CA GLU A 193 32.06 23.50 -6.13
C GLU A 193 32.56 22.72 -4.92
N PHE A 194 32.35 23.27 -3.72
CA PHE A 194 32.65 22.55 -2.47
C PHE A 194 31.48 21.65 -2.06
N CYS A 195 30.34 21.86 -2.70
CA CYS A 195 29.12 21.13 -2.41
C CYS A 195 29.01 19.82 -3.20
N ILE A 196 28.03 19.01 -2.82
CA ILE A 196 27.67 17.81 -3.57
C ILE A 196 26.25 17.94 -4.11
N THR A 197 25.88 17.09 -5.06
CA THR A 197 24.50 17.01 -5.53
C THR A 197 23.95 15.61 -5.25
N SER A 198 22.82 15.27 -5.86
CA SER A 198 22.27 13.92 -5.72
C SER A 198 23.24 12.88 -6.28
N ASN A 199 23.95 13.27 -7.35
CA ASN A 199 24.94 12.42 -7.99
C ASN A 199 26.06 11.95 -7.06
N GLU A 200 26.74 12.90 -6.42
CA GLU A 200 27.86 12.59 -5.51
C GLU A 200 27.41 11.91 -4.22
N ALA A 201 26.17 12.19 -3.83
CA ALA A 201 25.59 11.62 -2.61
C ALA A 201 25.57 10.10 -2.62
N PHE A 202 25.34 9.54 -3.81
CA PHE A 202 25.28 8.08 -3.98
C PHE A 202 26.62 7.39 -3.80
N TYR A 203 27.71 8.15 -3.92
CA TYR A 203 29.06 7.58 -3.82
C TYR A 203 29.92 8.25 -2.76
N LEU A 204 29.32 8.65 -1.65
CA LEU A 204 30.07 9.17 -0.51
C LEU A 204 30.79 8.02 0.19
N GLU A 205 32.05 8.26 0.54
CA GLU A 205 32.88 7.27 1.21
C GLU A 205 32.39 6.99 2.63
N ASP A 206 31.89 8.04 3.30
CA ASP A 206 31.38 7.95 4.66
C ASP A 206 30.04 8.67 4.80
N ALA A 207 29.24 8.20 5.76
CA ALA A 207 27.99 8.88 6.12
C ALA A 207 28.32 10.16 6.88
N PRO A 208 27.76 11.29 6.44
CA PRO A 208 28.04 12.56 7.13
C PRO A 208 27.43 12.63 8.53
N LYS A 209 28.17 13.25 9.45
CA LYS A 209 27.68 13.48 10.81
C LYS A 209 26.86 14.77 10.85
N ARG A 210 27.43 15.84 10.28
CA ARG A 210 26.77 17.14 10.26
C ARG A 210 26.36 17.48 8.82
N MET A 211 25.08 17.24 8.52
CA MET A 211 24.55 17.33 7.16
C MET A 211 23.67 18.57 6.90
N LEU A 212 23.82 19.16 5.72
CA LEU A 212 22.93 20.22 5.26
C LEU A 212 22.34 19.91 3.89
N CYS A 213 21.01 19.96 3.80
CA CYS A 213 20.32 19.77 2.53
C CYS A 213 19.69 21.09 2.09
N VAL A 214 20.23 21.67 1.02
CA VAL A 214 19.74 22.95 0.51
C VAL A 214 18.59 22.73 -0.46
N GLY A 215 17.48 23.42 -0.23
CA GLY A 215 16.30 23.31 -1.06
C GLY A 215 15.14 22.64 -0.35
N GLY A 216 13.95 22.76 -0.92
CA GLY A 216 12.75 22.15 -0.35
C GLY A 216 11.95 21.33 -1.35
N GLY A 217 12.66 20.76 -2.33
CA GLY A 217 12.02 19.96 -3.38
C GLY A 217 12.05 18.48 -3.10
N TYR A 218 11.66 17.70 -4.11
CA TYR A 218 11.63 16.23 -4.04
C TYR A 218 12.90 15.67 -3.41
N ILE A 219 14.03 15.88 -4.08
CA ILE A 219 15.33 15.34 -3.68
C ILE A 219 15.71 15.73 -2.25
N ALA A 220 15.48 17.00 -1.91
CA ALA A 220 15.81 17.54 -0.59
C ALA A 220 15.17 16.72 0.53
N VAL A 221 13.85 16.58 0.49
CA VAL A 221 13.08 15.90 1.52
C VAL A 221 13.45 14.41 1.59
N GLU A 222 13.63 13.80 0.43
CA GLU A 222 13.93 12.38 0.34
C GLU A 222 15.30 12.07 0.94
N PHE A 223 16.33 12.79 0.50
CA PHE A 223 17.69 12.57 0.97
C PHE A 223 17.91 12.99 2.42
N ALA A 224 17.19 14.02 2.86
CA ALA A 224 17.20 14.42 4.26
C ALA A 224 16.85 13.23 5.15
N GLY A 225 15.88 12.43 4.70
CA GLY A 225 15.47 11.23 5.41
C GLY A 225 16.52 10.13 5.38
N ILE A 226 17.24 10.02 4.26
CA ILE A 226 18.29 9.00 4.10
C ILE A 226 19.43 9.27 5.07
N PHE A 227 20.02 10.47 4.98
CA PHE A 227 21.16 10.86 5.82
C PHE A 227 20.81 10.84 7.31
N ASN A 228 19.57 11.22 7.63
CA ASN A 228 19.06 11.17 9.00
C ASN A 228 18.88 9.75 9.51
N GLY A 229 18.68 8.82 8.58
CA GLY A 229 18.60 7.41 8.92
C GLY A 229 19.99 6.83 9.10
N TYR A 230 20.94 7.33 8.31
CA TYR A 230 22.29 6.78 8.29
C TYR A 230 23.35 7.67 8.94
N LYS A 231 22.90 8.65 9.72
CA LYS A 231 23.79 9.49 10.50
C LYS A 231 24.47 8.68 11.61
N PRO A 232 25.75 8.97 11.91
CA PRO A 232 26.44 8.33 13.03
C PRO A 232 25.99 8.92 14.37
N CYS A 233 26.82 8.78 15.41
CA CYS A 233 26.47 9.28 16.74
C CYS A 233 26.41 10.80 16.81
N GLY A 234 25.38 11.30 17.49
CA GLY A 234 25.19 12.75 17.69
C GLY A 234 25.05 13.54 16.40
N GLY A 235 24.88 12.85 15.29
CA GLY A 235 24.73 13.48 13.98
C GLY A 235 23.40 14.17 13.81
N TYR A 236 23.34 15.11 12.86
CA TYR A 236 22.12 15.85 12.58
C TYR A 236 22.03 16.28 11.11
N VAL A 237 20.81 16.37 10.61
CA VAL A 237 20.56 16.81 9.24
C VAL A 237 19.72 18.08 9.24
N ASP A 238 20.30 19.17 8.73
CA ASP A 238 19.59 20.43 8.62
C ASP A 238 19.10 20.64 7.19
N LEU A 239 17.80 20.84 7.04
CA LEU A 239 17.22 21.16 5.75
C LEU A 239 16.88 22.65 5.73
N CYS A 240 17.46 23.38 4.78
CA CYS A 240 17.14 24.80 4.64
C CYS A 240 16.45 25.10 3.30
N TYR A 241 15.40 25.91 3.36
CA TYR A 241 14.60 26.24 2.19
C TYR A 241 14.43 27.75 2.04
N ARG A 242 14.51 28.20 0.79
CA ARG A 242 14.43 29.61 0.43
C ARG A 242 13.12 30.30 0.86
N GLY A 243 12.00 29.58 0.76
CA GLY A 243 10.69 30.11 1.13
C GLY A 243 10.22 29.67 2.52
N ASP A 244 8.94 29.83 2.82
CA ASP A 244 8.43 29.54 4.17
C ASP A 244 7.61 28.25 4.33
N LEU A 245 7.47 27.49 3.24
CA LEU A 245 6.87 26.14 3.32
C LEU A 245 7.42 25.24 2.21
N ILE A 246 8.05 24.14 2.63
CA ILE A 246 8.70 23.20 1.70
C ILE A 246 7.72 22.54 0.75
N LEU A 247 8.23 22.12 -0.41
CA LEU A 247 7.45 21.41 -1.44
C LEU A 247 6.27 22.22 -1.97
N ARG A 248 6.58 23.32 -2.66
CA ARG A 248 5.56 24.09 -3.35
C ARG A 248 4.86 23.23 -4.40
N GLY A 249 3.60 23.55 -4.68
CA GLY A 249 2.83 22.82 -5.68
C GLY A 249 2.11 21.63 -5.10
N PHE A 250 2.49 21.24 -3.88
CA PHE A 250 1.83 20.17 -3.15
C PHE A 250 0.74 20.72 -2.23
N ASP A 251 -0.17 19.84 -1.81
CA ASP A 251 -1.24 20.21 -0.89
C ASP A 251 -0.66 20.88 0.36
N THR A 252 -1.07 22.14 0.58
CA THR A 252 -0.53 22.97 1.67
C THR A 252 -0.67 22.36 3.06
N GLU A 253 -1.70 21.55 3.26
CA GLU A 253 -1.94 20.90 4.54
C GLU A 253 -1.07 19.66 4.70
N VAL A 254 -0.77 19.00 3.58
CA VAL A 254 0.16 17.87 3.56
C VAL A 254 1.59 18.34 3.83
N ARG A 255 1.96 19.45 3.20
CA ARG A 255 3.28 20.08 3.38
C ARG A 255 3.56 20.41 4.84
N LYS A 256 2.61 21.09 5.48
CA LYS A 256 2.71 21.49 6.88
C LYS A 256 2.83 20.29 7.84
N SER A 257 2.11 19.22 7.51
CA SER A 257 2.11 18.00 8.33
C SER A 257 3.42 17.22 8.17
N LEU A 258 4.02 17.31 6.99
CA LEU A 258 5.32 16.69 6.74
C LEU A 258 6.39 17.42 7.51
N THR A 259 6.35 18.74 7.47
CA THR A 259 7.31 19.60 8.17
C THR A 259 7.41 19.26 9.64
N LYS A 260 6.26 18.97 10.27
CA LYS A 260 6.20 18.58 11.68
C LYS A 260 6.78 17.18 11.90
N GLN A 261 6.51 16.28 10.96
CA GLN A 261 6.92 14.89 11.06
C GLN A 261 8.40 14.65 10.75
N LEU A 262 8.94 15.42 9.81
CA LEU A 262 10.38 15.44 9.55
C LEU A 262 11.11 15.96 10.79
N GLY A 263 10.51 16.96 11.43
CA GLY A 263 11.02 17.51 12.67
C GLY A 263 11.04 16.46 13.76
N ALA A 264 9.86 15.89 14.03
CA ALA A 264 9.70 14.88 15.08
C ALA A 264 10.60 13.67 14.88
N ASN A 265 10.98 13.41 13.62
CA ASN A 265 11.82 12.27 13.29
C ASN A 265 13.31 12.56 13.42
N GLY A 266 13.66 13.85 13.55
CA GLY A 266 15.05 14.26 13.75
C GLY A 266 15.50 15.44 12.92
N ILE A 267 15.02 15.50 11.67
CA ILE A 267 15.46 16.53 10.71
C ILE A 267 14.99 17.92 11.11
N ARG A 268 15.96 18.83 11.29
CA ARG A 268 15.67 20.21 11.66
C ARG A 268 15.39 21.07 10.42
N VAL A 269 14.11 21.42 10.24
CA VAL A 269 13.68 22.23 9.10
C VAL A 269 13.94 23.71 9.35
N ARG A 270 14.47 24.39 8.33
CA ARG A 270 14.76 25.82 8.41
C ARG A 270 14.23 26.56 7.19
N THR A 271 13.17 27.34 7.38
CA THR A 271 12.53 28.08 6.28
C THR A 271 13.08 29.50 6.15
N ASN A 272 12.78 30.14 5.02
CA ASN A 272 13.25 31.49 4.68
C ASN A 272 14.74 31.71 4.87
N LEU A 273 15.52 30.72 4.48
CA LEU A 273 16.96 30.72 4.66
C LEU A 273 17.67 30.20 3.41
N ASN A 274 18.80 30.82 3.07
CA ASN A 274 19.58 30.43 1.90
C ASN A 274 21.06 30.74 2.06
N PRO A 275 21.94 29.75 1.80
CA PRO A 275 23.38 29.96 1.85
C PRO A 275 23.87 30.92 0.76
N THR A 276 24.99 31.60 1.02
CA THR A 276 25.55 32.59 0.11
C THR A 276 27.06 32.45 -0.08
N LYS A 277 27.74 31.88 0.92
CA LYS A 277 29.19 31.76 0.90
C LYS A 277 29.62 30.46 1.60
N ILE A 278 30.48 29.70 0.94
CA ILE A 278 30.98 28.43 1.48
C ILE A 278 32.50 28.33 1.35
N THR A 279 33.16 28.01 2.45
CA THR A 279 34.62 27.83 2.48
C THR A 279 35.00 26.57 3.24
N LYS A 280 36.09 25.92 2.81
CA LYS A 280 36.54 24.67 3.42
C LYS A 280 37.48 24.91 4.59
N ASN A 281 37.47 23.98 5.55
CA ASN A 281 38.31 24.09 6.74
C ASN A 281 39.59 23.24 6.68
N GLU A 282 40.32 23.19 7.79
CA GLU A 282 41.57 22.44 7.89
C GLU A 282 41.36 21.00 8.39
N ASP A 283 40.16 20.48 8.18
CA ASP A 283 39.84 19.09 8.52
C ASP A 283 38.95 18.44 7.47
N GLY A 284 38.52 19.23 6.49
CA GLY A 284 37.67 18.75 5.40
C GLY A 284 36.27 19.35 5.44
N SER A 285 35.72 19.46 6.64
CA SER A 285 34.37 20.01 6.85
C SER A 285 34.19 21.41 6.26
N ASN A 286 32.97 21.69 5.82
CA ASN A 286 32.67 22.96 5.14
C ASN A 286 32.03 24.00 6.07
N HIS A 287 32.48 25.25 5.93
CA HIS A 287 31.94 26.37 6.68
C HIS A 287 30.96 27.15 5.79
N VAL A 288 29.72 27.26 6.25
CA VAL A 288 28.64 27.84 5.44
C VAL A 288 28.14 29.18 6.01
N HIS A 289 28.05 30.18 5.15
CA HIS A 289 27.52 31.50 5.51
C HIS A 289 26.10 31.63 4.97
N PHE A 290 25.15 31.82 5.88
CA PHE A 290 23.72 31.80 5.54
C PHE A 290 23.15 33.16 5.10
N ASN A 291 21.82 33.23 5.03
CA ASN A 291 21.10 34.41 4.58
C ASN A 291 20.87 35.41 5.71
N ASP A 292 20.53 34.90 6.89
CA ASP A 292 20.30 35.74 8.06
C ASP A 292 21.61 36.29 8.65
N GLY A 293 22.74 35.74 8.19
CA GLY A 293 24.05 36.19 8.62
C GLY A 293 24.80 35.20 9.49
N THR A 294 24.14 34.10 9.85
CA THR A 294 24.74 33.07 10.69
C THR A 294 25.76 32.22 9.94
N GLU A 295 26.62 31.56 10.70
CA GLU A 295 27.63 30.64 10.16
C GLU A 295 27.55 29.33 10.92
N GLU A 296 27.64 28.21 10.19
CA GLU A 296 27.65 26.89 10.81
C GLU A 296 28.51 25.91 10.02
N ASP A 297 28.92 24.83 10.68
CA ASP A 297 29.82 23.83 10.08
C ASP A 297 29.12 22.53 9.73
N TYR A 298 29.25 22.14 8.46
CA TYR A 298 28.68 20.88 7.96
C TYR A 298 29.75 20.01 7.30
N ASP A 299 29.71 18.72 7.62
CA ASP A 299 30.61 17.74 7.01
C ASP A 299 30.32 17.58 5.52
N GLN A 300 29.08 17.82 5.13
CA GLN A 300 28.65 17.72 3.74
C GLN A 300 27.43 18.62 3.49
N VAL A 301 27.41 19.25 2.32
CA VAL A 301 26.29 20.13 1.95
C VAL A 301 25.76 19.82 0.54
N MET A 302 24.53 19.31 0.48
CA MET A 302 23.92 18.89 -0.77
C MET A 302 22.96 19.94 -1.33
N LEU A 303 23.03 20.14 -2.64
CA LEU A 303 22.18 21.12 -3.31
C LEU A 303 21.09 20.41 -4.11
N ALA A 304 19.85 20.55 -3.65
CA ALA A 304 18.69 20.03 -4.36
C ALA A 304 17.94 21.17 -5.05
N ILE A 305 18.70 21.97 -5.79
CA ILE A 305 18.22 23.22 -6.39
C ILE A 305 17.23 22.99 -7.54
N GLY A 306 17.48 21.94 -8.33
CA GLY A 306 16.63 21.63 -9.48
C GLY A 306 17.37 20.88 -10.56
N ARG A 307 16.68 20.56 -11.64
CA ARG A 307 17.28 19.83 -12.75
C ARG A 307 16.98 20.48 -14.11
N VAL A 308 18.04 20.95 -14.77
CA VAL A 308 17.96 21.56 -16.10
C VAL A 308 18.15 20.49 -17.19
N PRO A 309 17.38 20.58 -18.28
CA PRO A 309 17.51 19.62 -19.39
C PRO A 309 18.92 19.58 -19.95
N ARG A 310 19.44 18.37 -20.16
CA ARG A 310 20.82 18.17 -20.59
C ARG A 310 20.93 18.20 -22.12
N SER A 311 21.07 19.39 -22.68
CA SER A 311 21.18 19.58 -24.12
C SER A 311 22.26 20.58 -24.48
N GLN A 312 23.04 20.98 -23.49
CA GLN A 312 24.07 22.01 -23.64
C GLN A 312 25.15 21.64 -24.66
N ALA A 313 25.45 20.35 -24.76
CA ALA A 313 26.53 19.87 -25.63
C ALA A 313 26.07 18.93 -26.75
N LEU A 314 24.81 19.08 -27.17
CA LEU A 314 24.26 18.24 -28.23
C LEU A 314 24.27 18.92 -29.60
N GLN A 315 24.62 20.20 -29.60
CA GLN A 315 24.67 21.03 -30.83
C GLN A 315 23.36 20.97 -31.61
N LEU A 316 22.26 21.40 -30.98
CA LEU A 316 20.94 21.42 -31.59
C LEU A 316 20.84 22.49 -32.68
N ASP A 317 21.70 23.51 -32.55
CA ASP A 317 21.81 24.59 -33.52
C ASP A 317 22.22 24.07 -34.90
N LYS A 318 23.22 23.19 -34.94
CA LYS A 318 23.71 22.60 -36.19
C LYS A 318 22.63 21.84 -36.96
N ALA A 319 21.73 21.19 -36.23
CA ALA A 319 20.63 20.42 -36.84
C ALA A 319 19.36 21.24 -36.98
N GLY A 320 19.29 22.36 -36.26
CA GLY A 320 18.13 23.25 -36.30
C GLY A 320 16.98 22.77 -35.43
N VAL A 321 17.28 22.52 -34.16
CA VAL A 321 16.28 22.09 -33.17
C VAL A 321 16.12 23.18 -32.12
N ARG A 322 14.88 23.63 -31.91
CA ARG A 322 14.59 24.76 -31.02
C ARG A 322 14.74 24.44 -29.53
N THR A 323 15.56 25.25 -28.86
CA THR A 323 15.78 25.12 -27.41
C THR A 323 15.29 26.37 -26.68
N GLY A 324 14.21 26.22 -25.92
CA GLY A 324 13.57 27.34 -25.23
C GLY A 324 14.02 27.55 -23.80
N LYS A 325 13.07 27.45 -22.88
CA LYS A 325 13.30 27.69 -21.44
C LYS A 325 14.32 26.74 -20.81
N ASN A 326 15.49 27.30 -20.48
CA ASN A 326 16.62 26.57 -19.89
C ASN A 326 17.20 25.44 -20.76
N GLY A 327 17.13 25.62 -22.08
CA GLY A 327 17.66 24.66 -23.05
C GLY A 327 16.79 23.44 -23.28
N ALA A 328 15.53 23.51 -22.88
CA ALA A 328 14.58 22.42 -23.08
C ALA A 328 14.25 22.26 -24.56
N VAL A 329 14.26 21.03 -25.04
CA VAL A 329 13.96 20.75 -26.44
C VAL A 329 12.46 20.90 -26.70
N GLN A 330 12.11 21.92 -27.48
CA GLN A 330 10.71 22.26 -27.75
C GLN A 330 10.03 21.25 -28.66
N VAL A 331 8.99 20.62 -28.13
CA VAL A 331 8.25 19.58 -28.84
C VAL A 331 6.75 19.86 -28.85
N ASP A 332 6.03 19.17 -29.73
CA ASP A 332 4.58 19.18 -29.71
C ASP A 332 4.05 18.03 -28.85
N ALA A 333 2.77 17.72 -28.98
CA ALA A 333 2.13 16.67 -28.19
C ALA A 333 2.60 15.26 -28.56
N TYR A 334 3.21 15.12 -29.72
CA TYR A 334 3.69 13.82 -30.22
C TYR A 334 5.21 13.68 -30.14
N SER A 335 5.86 14.61 -29.45
CA SER A 335 7.31 14.62 -29.20
C SER A 335 8.17 15.11 -30.39
N LYS A 336 7.53 15.49 -31.49
CA LYS A 336 8.24 15.94 -32.70
C LYS A 336 8.80 17.35 -32.51
N THR A 337 10.06 17.53 -32.91
CA THR A 337 10.76 18.81 -32.72
C THR A 337 10.60 19.71 -33.95
N SER A 338 11.54 20.66 -34.10
CA SER A 338 11.59 21.57 -35.24
C SER A 338 11.73 20.82 -36.57
N VAL A 339 12.57 19.77 -36.57
CA VAL A 339 12.78 18.93 -37.74
C VAL A 339 11.88 17.69 -37.67
N ASP A 340 11.27 17.32 -38.81
CA ASP A 340 10.27 16.24 -38.87
C ASP A 340 10.78 14.85 -38.52
N ASN A 341 12.09 14.64 -38.65
CA ASN A 341 12.71 13.35 -38.33
C ASN A 341 13.27 13.29 -36.90
N ILE A 342 13.58 14.46 -36.33
CA ILE A 342 14.12 14.55 -34.97
C ILE A 342 13.00 14.62 -33.93
N TYR A 343 13.16 13.82 -32.87
CA TYR A 343 12.19 13.75 -31.77
C TYR A 343 12.92 13.88 -30.43
N ALA A 344 12.16 14.17 -29.38
CA ALA A 344 12.72 14.25 -28.02
C ALA A 344 11.70 13.80 -26.98
N ILE A 345 12.18 13.05 -25.98
CA ILE A 345 11.34 12.56 -24.89
C ILE A 345 12.06 12.67 -23.54
N GLY A 346 11.28 12.58 -22.47
CA GLY A 346 11.82 12.55 -21.11
C GLY A 346 12.10 13.93 -20.54
N ASP A 347 13.09 13.99 -19.65
CA ASP A 347 13.43 15.22 -18.93
C ASP A 347 13.97 16.32 -19.82
N VAL A 348 14.50 15.94 -21.00
CA VAL A 348 15.08 16.90 -21.93
C VAL A 348 14.02 17.83 -22.55
N THR A 349 12.77 17.38 -22.57
CA THR A 349 11.65 18.19 -23.04
C THR A 349 11.13 19.12 -21.94
N ASN A 350 11.36 18.72 -20.68
CA ASN A 350 10.95 19.47 -19.50
C ASN A 350 9.42 19.61 -19.36
N ARG A 351 8.72 18.50 -19.59
CA ARG A 351 7.27 18.47 -19.41
C ARG A 351 6.93 18.00 -18.00
N VAL A 352 6.96 16.69 -17.77
CA VAL A 352 6.79 16.13 -16.43
C VAL A 352 7.95 15.17 -16.15
N MET A 353 8.91 15.60 -15.33
CA MET A 353 10.15 14.86 -15.10
C MET A 353 9.98 13.64 -14.20
N LEU A 354 9.42 12.57 -14.76
CA LEU A 354 9.27 11.30 -14.05
C LEU A 354 9.69 10.13 -14.94
N THR A 355 10.02 9.01 -14.31
CA THR A 355 10.41 7.80 -15.03
C THR A 355 9.26 7.21 -15.87
N PRO A 356 8.07 7.00 -15.27
CA PRO A 356 6.98 6.38 -16.03
C PRO A 356 6.38 7.29 -17.09
N VAL A 357 6.60 8.61 -16.96
CA VAL A 357 6.20 9.58 -17.96
C VAL A 357 7.04 9.41 -19.23
N ALA A 358 8.36 9.40 -19.04
CA ALA A 358 9.32 9.23 -20.14
C ALA A 358 9.14 7.89 -20.86
N ILE A 359 8.84 6.84 -20.10
CA ILE A 359 8.56 5.51 -20.65
C ILE A 359 7.33 5.56 -21.55
N ASN A 360 6.29 6.26 -21.08
CA ASN A 360 5.08 6.46 -21.87
C ASN A 360 5.33 7.32 -23.11
N GLU A 361 6.11 8.39 -22.94
CA GLU A 361 6.51 9.25 -24.06
C GLU A 361 7.29 8.46 -25.11
N GLY A 362 8.15 7.55 -24.65
CA GLY A 362 8.94 6.70 -25.51
C GLY A 362 8.13 5.65 -26.25
N ALA A 363 7.22 4.99 -25.53
CA ALA A 363 6.33 4.00 -26.13
C ALA A 363 5.38 4.62 -27.17
N ALA A 364 4.88 5.82 -26.86
CA ALA A 364 4.00 6.56 -27.76
C ALA A 364 4.75 7.05 -29.00
N PHE A 365 6.02 7.41 -28.83
CA PHE A 365 6.89 7.80 -29.95
C PHE A 365 7.01 6.65 -30.96
N VAL A 366 7.21 5.45 -30.45
CA VAL A 366 7.32 4.25 -31.28
C VAL A 366 6.04 4.03 -32.09
N GLU A 367 4.89 4.05 -31.39
CA GLU A 367 3.58 3.89 -32.02
C GLU A 367 3.33 4.95 -33.08
N THR A 368 3.77 6.18 -32.80
CA THR A 368 3.57 7.31 -33.72
C THR A 368 4.25 7.09 -35.07
N VAL A 369 5.55 6.78 -35.06
CA VAL A 369 6.30 6.66 -36.30
C VAL A 369 6.36 5.23 -36.86
N PHE A 370 6.88 4.29 -36.08
CA PHE A 370 7.10 2.91 -36.56
C PHE A 370 5.88 2.00 -36.39
N GLY A 371 4.93 2.41 -35.57
CA GLY A 371 3.72 1.62 -35.31
C GLY A 371 2.57 1.93 -36.25
N GLY A 372 2.60 3.12 -36.85
CA GLY A 372 1.54 3.57 -37.75
C GLY A 372 0.51 4.41 -37.02
N LYS A 373 -0.01 3.88 -35.92
CA LYS A 373 -1.08 4.52 -35.13
C LYS A 373 -0.52 5.57 -34.17
N PRO A 374 -0.74 6.87 -34.47
CA PRO A 374 -0.15 7.94 -33.66
C PRO A 374 -0.83 8.09 -32.31
N ARG A 375 -0.07 8.54 -31.31
CA ARG A 375 -0.57 8.63 -29.93
C ARG A 375 0.21 9.68 -29.14
N ALA A 376 -0.53 10.49 -28.37
CA ALA A 376 0.06 11.57 -27.57
C ALA A 376 -0.01 11.25 -26.08
N THR A 377 1.04 11.63 -25.35
CA THR A 377 1.13 11.37 -23.91
C THR A 377 0.25 12.31 -23.09
N ASP A 378 -0.57 11.72 -22.23
CA ASP A 378 -1.48 12.47 -21.36
C ASP A 378 -0.74 12.98 -20.12
N HIS A 379 -0.37 14.26 -20.12
CA HIS A 379 0.41 14.85 -19.04
C HIS A 379 -0.41 15.29 -17.82
N THR A 380 -1.73 15.39 -17.99
CA THR A 380 -2.62 15.80 -16.91
C THR A 380 -3.07 14.59 -16.09
N LYS A 381 -3.35 14.83 -14.80
CA LYS A 381 -3.82 13.80 -13.86
C LYS A 381 -2.89 12.58 -13.77
N VAL A 382 -1.60 12.86 -13.61
CA VAL A 382 -0.58 11.81 -13.48
C VAL A 382 -0.21 11.65 -12.01
N ALA A 383 -0.45 10.45 -11.48
CA ALA A 383 -0.16 10.15 -10.08
C ALA A 383 1.34 9.98 -9.86
N CYS A 384 1.87 10.68 -8.86
CA CYS A 384 3.28 10.54 -8.49
C CYS A 384 3.42 10.49 -6.97
N ALA A 385 4.64 10.25 -6.50
CA ALA A 385 4.90 10.12 -5.07
C ALA A 385 6.18 10.83 -4.65
N VAL A 386 6.28 11.10 -3.34
CA VAL A 386 7.52 11.61 -2.73
C VAL A 386 7.91 10.65 -1.62
N PHE A 387 9.07 10.02 -1.77
CA PHE A 387 9.53 9.02 -0.80
C PHE A 387 10.24 9.66 0.40
N SER A 388 9.48 10.48 1.12
CA SER A 388 9.88 11.02 2.41
C SER A 388 9.72 9.91 3.43
N ILE A 389 10.30 10.09 4.62
CA ILE A 389 10.16 9.09 5.68
C ILE A 389 8.68 8.81 6.03
N PRO A 390 7.86 9.87 6.22
CA PRO A 390 6.44 9.68 5.92
C PRO A 390 6.17 10.05 4.45
N PRO A 391 5.92 9.03 3.60
CA PRO A 391 5.79 9.24 2.15
C PRO A 391 4.52 10.01 1.73
N ILE A 392 4.60 10.67 0.57
CA ILE A 392 3.47 11.41 0.00
C ILE A 392 2.95 10.71 -1.24
N GLY A 393 1.63 10.79 -1.45
CA GLY A 393 1.00 10.31 -2.67
C GLY A 393 -0.03 11.30 -3.17
N THR A 394 0.26 11.95 -4.29
CA THR A 394 -0.64 12.96 -4.86
C THR A 394 -1.02 12.66 -6.32
N CYS A 395 -2.22 13.12 -6.69
CA CYS A 395 -2.70 13.02 -8.06
C CYS A 395 -3.77 14.08 -8.29
N GLY A 396 -3.54 14.93 -9.29
CA GLY A 396 -4.51 15.96 -9.63
C GLY A 396 -4.25 17.30 -8.98
N MET A 397 -5.31 18.09 -8.81
CA MET A 397 -5.21 19.48 -8.40
C MET A 397 -5.19 19.69 -6.88
N THR A 398 -4.51 20.75 -6.45
CA THR A 398 -4.53 21.19 -5.06
C THR A 398 -5.79 22.02 -4.79
N GLU A 399 -5.91 22.56 -3.58
CA GLU A 399 -6.97 23.50 -3.25
C GLU A 399 -6.84 24.76 -4.08
N GLU A 400 -5.67 25.38 -3.99
CA GLU A 400 -5.36 26.65 -4.65
C GLU A 400 -5.66 26.64 -6.14
N GLU A 401 -5.23 25.57 -6.82
CA GLU A 401 -5.38 25.45 -8.26
C GLU A 401 -6.83 25.18 -8.69
N ALA A 402 -7.52 24.33 -7.94
CA ALA A 402 -8.91 23.98 -8.24
C ALA A 402 -9.87 25.13 -7.96
N ALA A 403 -9.50 25.99 -7.02
CA ALA A 403 -10.29 27.18 -6.69
C ALA A 403 -10.09 28.28 -7.73
N LYS A 404 -8.94 28.25 -8.41
CA LYS A 404 -8.62 29.22 -9.46
C LYS A 404 -9.56 29.07 -10.67
N ASN A 405 -9.67 27.86 -11.20
CA ASN A 405 -10.43 27.63 -12.43
C ASN A 405 -11.60 26.63 -12.32
N TYR A 406 -12.33 26.69 -11.22
CA TYR A 406 -13.57 25.92 -11.06
C TYR A 406 -14.64 26.71 -10.29
N GLU A 407 -15.88 26.57 -10.75
CA GLU A 407 -17.04 27.28 -10.18
C GLU A 407 -17.15 27.09 -8.66
N THR A 408 -17.50 25.88 -8.23
CA THR A 408 -17.60 25.54 -6.81
C THR A 408 -16.86 24.24 -6.55
N VAL A 409 -16.06 24.22 -5.49
CA VAL A 409 -15.29 23.02 -5.13
C VAL A 409 -15.44 22.64 -3.66
N ALA A 410 -15.65 21.34 -3.43
CA ALA A 410 -15.77 20.78 -2.09
C ALA A 410 -14.43 20.21 -1.64
N VAL A 411 -14.08 20.41 -0.37
CA VAL A 411 -12.83 19.91 0.19
C VAL A 411 -13.10 18.89 1.29
N TYR A 412 -12.72 17.64 1.02
CA TYR A 412 -12.86 16.54 1.97
C TYR A 412 -11.52 16.29 2.65
N ALA A 413 -11.55 16.15 3.98
CA ALA A 413 -10.32 15.95 4.75
C ALA A 413 -10.49 14.92 5.86
N SER A 414 -9.41 14.21 6.18
CA SER A 414 -9.42 13.16 7.19
C SER A 414 -8.00 12.90 7.69
N SER A 415 -7.80 13.04 9.00
CA SER A 415 -6.54 12.70 9.65
C SER A 415 -6.79 11.65 10.73
N PHE A 416 -5.97 10.60 10.74
CA PHE A 416 -6.11 9.54 11.73
C PHE A 416 -4.77 8.86 12.04
N THR A 417 -4.61 8.45 13.29
CA THR A 417 -3.42 7.73 13.73
C THR A 417 -3.68 6.23 13.62
N PRO A 418 -2.85 5.50 12.85
CA PRO A 418 -2.97 4.05 12.75
C PRO A 418 -2.91 3.41 14.13
N LEU A 419 -3.78 2.44 14.38
CA LEU A 419 -3.94 1.87 15.72
C LEU A 419 -2.65 1.30 16.31
N MET A 420 -1.80 0.74 15.45
CA MET A 420 -0.51 0.18 15.85
C MET A 420 0.44 1.20 16.48
N HIS A 421 0.27 2.48 16.14
CA HIS A 421 1.16 3.54 16.61
C HIS A 421 0.91 3.96 18.06
N ASN A 422 -0.11 3.37 18.69
CA ASN A 422 -0.33 3.53 20.12
C ASN A 422 0.57 2.59 20.91
N ILE A 423 1.08 1.57 20.23
CA ILE A 423 1.99 0.59 20.81
C ILE A 423 3.43 0.90 20.42
N SER A 424 3.64 1.21 19.14
CA SER A 424 4.98 1.46 18.60
C SER A 424 5.63 2.73 19.17
N GLY A 425 4.81 3.65 19.66
CA GLY A 425 5.30 4.88 20.28
C GLY A 425 5.33 6.07 19.33
N SER A 426 5.38 5.77 18.03
CA SER A 426 5.42 6.82 17.01
C SER A 426 4.03 7.42 16.79
N LYS A 427 3.54 8.17 17.78
CA LYS A 427 2.22 8.79 17.72
C LYS A 427 2.16 10.03 16.82
N HIS A 428 3.33 10.46 16.36
CA HIS A 428 3.44 11.59 15.42
C HIS A 428 3.09 11.17 13.99
N LYS A 429 3.26 9.88 13.69
CA LYS A 429 2.98 9.33 12.36
C LYS A 429 1.48 9.29 12.08
N GLU A 430 0.97 10.39 11.55
CA GLU A 430 -0.45 10.58 11.30
C GLU A 430 -0.76 10.41 9.82
N PHE A 431 -1.65 9.47 9.49
CA PHE A 431 -2.08 9.28 8.11
C PHE A 431 -3.14 10.31 7.74
N MET A 432 -2.97 10.93 6.57
CA MET A 432 -3.84 12.00 6.12
C MET A 432 -4.29 11.80 4.68
N ILE A 433 -5.60 11.95 4.45
CA ILE A 433 -6.15 11.94 3.11
C ILE A 433 -6.95 13.21 2.88
N ARG A 434 -6.74 13.86 1.74
CA ARG A 434 -7.48 15.06 1.38
C ARG A 434 -7.95 14.98 -0.06
N ILE A 435 -9.27 14.87 -0.25
CA ILE A 435 -9.86 14.82 -1.58
C ILE A 435 -10.46 16.18 -1.94
N ILE A 436 -10.18 16.62 -3.16
CA ILE A 436 -10.68 17.91 -3.68
C ILE A 436 -11.57 17.65 -4.88
N THR A 437 -12.86 17.95 -4.73
CA THR A 437 -13.85 17.67 -5.78
C THR A 437 -14.54 18.91 -6.32
N ASN A 438 -14.96 18.84 -7.57
CA ASN A 438 -15.85 19.83 -8.17
C ASN A 438 -17.26 19.63 -7.61
N GLU A 439 -17.77 20.68 -6.96
CA GLU A 439 -19.04 20.61 -6.24
C GLU A 439 -20.25 20.42 -7.16
N SER A 440 -20.11 20.85 -8.42
CA SER A 440 -21.17 20.73 -9.41
C SER A 440 -21.64 19.28 -9.60
N ASN A 441 -20.76 18.42 -10.13
CA ASN A 441 -21.10 17.02 -10.38
C ASN A 441 -20.51 16.02 -9.39
N GLY A 442 -19.54 16.48 -8.60
CA GLY A 442 -18.88 15.63 -7.60
C GLY A 442 -17.61 14.95 -8.10
N GLU A 443 -17.06 15.46 -9.19
CA GLU A 443 -15.88 14.87 -9.82
C GLU A 443 -14.63 15.08 -8.98
N VAL A 444 -13.89 13.99 -8.74
CA VAL A 444 -12.63 14.04 -8.00
C VAL A 444 -11.54 14.69 -8.84
N LEU A 445 -11.09 15.86 -8.41
CA LEU A 445 -10.11 16.65 -9.15
C LEU A 445 -8.70 16.49 -8.59
N GLY A 446 -8.62 16.08 -7.32
CA GLY A 446 -7.35 15.86 -6.64
C GLY A 446 -7.46 14.99 -5.40
N VAL A 447 -6.47 14.13 -5.20
CA VAL A 447 -6.35 13.32 -3.99
C VAL A 447 -4.93 13.43 -3.44
N HIS A 448 -4.81 13.75 -2.16
CA HIS A 448 -3.52 13.99 -1.53
C HIS A 448 -3.36 13.20 -0.24
N MET A 449 -2.26 12.48 -0.11
CA MET A 449 -2.05 11.59 1.02
C MET A 449 -0.68 11.73 1.66
N LEU A 450 -0.62 11.51 2.96
CA LEU A 450 0.64 11.49 3.70
C LEU A 450 0.64 10.37 4.73
N GLY A 451 1.55 9.41 4.53
CA GLY A 451 1.70 8.27 5.43
C GLY A 451 2.24 7.04 4.72
N ASP A 452 2.34 5.94 5.46
CA ASP A 452 2.82 4.68 4.90
C ASP A 452 1.84 4.13 3.89
N SER A 453 2.37 3.52 2.82
CA SER A 453 1.58 2.95 1.72
C SER A 453 0.96 3.98 0.77
N ALA A 454 1.14 5.27 1.08
CA ALA A 454 0.61 6.35 0.24
C ALA A 454 1.01 6.26 -1.25
N PRO A 455 2.29 5.98 -1.55
CA PRO A 455 2.70 5.79 -2.94
C PRO A 455 2.06 4.56 -3.60
N GLU A 456 1.68 3.56 -2.80
CA GLU A 456 1.01 2.38 -3.31
C GLU A 456 -0.46 2.66 -3.58
N ILE A 457 -1.09 3.40 -2.66
CA ILE A 457 -2.51 3.73 -2.75
C ILE A 457 -2.80 4.70 -3.90
N ILE A 458 -1.97 5.72 -4.04
CA ILE A 458 -2.14 6.76 -5.06
C ILE A 458 -2.11 6.24 -6.50
N GLN A 459 -1.42 5.11 -6.70
CA GLN A 459 -1.34 4.48 -8.01
C GLN A 459 -2.72 4.10 -8.56
N SER A 460 -3.48 3.37 -7.76
CA SER A 460 -4.83 2.95 -8.14
C SER A 460 -5.85 4.08 -8.04
N VAL A 461 -5.50 5.12 -7.29
CA VAL A 461 -6.29 6.35 -7.29
C VAL A 461 -6.14 7.02 -8.67
N GLY A 462 -4.91 7.05 -9.18
CA GLY A 462 -4.62 7.59 -10.50
C GLY A 462 -5.38 6.87 -11.61
N ILE A 463 -5.66 5.58 -11.39
CA ILE A 463 -6.46 4.79 -12.31
C ILE A 463 -7.89 5.35 -12.36
N CYS A 464 -8.42 5.70 -11.19
CA CYS A 464 -9.77 6.24 -11.06
C CYS A 464 -9.93 7.65 -11.62
N MET A 465 -8.91 8.48 -11.44
CA MET A 465 -8.98 9.88 -11.86
C MET A 465 -8.88 10.03 -13.37
N LYS A 466 -8.09 9.16 -14.00
CA LYS A 466 -8.05 9.06 -15.46
C LYS A 466 -9.35 8.45 -15.97
N MET A 467 -9.94 7.58 -15.16
CA MET A 467 -11.25 6.96 -15.43
C MET A 467 -12.38 7.98 -15.24
N GLY A 468 -12.05 9.13 -14.64
CA GLY A 468 -13.02 10.20 -14.39
C GLY A 468 -13.99 9.85 -13.27
N ALA A 469 -13.46 9.58 -12.08
CA ALA A 469 -14.27 9.14 -10.95
C ALA A 469 -14.86 10.28 -10.15
N LYS A 470 -16.00 10.01 -9.51
CA LYS A 470 -16.66 10.97 -8.62
C LYS A 470 -16.53 10.55 -7.17
N ILE A 471 -16.70 11.50 -6.26
CA ILE A 471 -16.62 11.25 -4.81
C ILE A 471 -17.63 10.19 -4.37
N SER A 472 -18.76 10.12 -5.06
CA SER A 472 -19.80 9.13 -4.78
C SER A 472 -19.37 7.71 -5.15
N ASP A 473 -18.34 7.58 -6.00
CA ASP A 473 -17.76 6.27 -6.33
C ASP A 473 -16.90 5.74 -5.20
N PHE A 474 -16.31 6.66 -4.43
CA PHE A 474 -15.41 6.33 -3.34
C PHE A 474 -16.17 5.79 -2.13
N HIS A 475 -17.01 6.64 -1.52
CA HIS A 475 -17.71 6.29 -0.28
C HIS A 475 -18.87 5.29 -0.45
N SER A 476 -19.03 4.76 -1.66
CA SER A 476 -20.04 3.73 -1.91
C SER A 476 -19.41 2.34 -2.04
N THR A 477 -18.08 2.28 -2.01
CA THR A 477 -17.34 1.03 -2.05
C THR A 477 -17.13 0.51 -0.63
N ILE A 478 -17.51 -0.75 -0.40
CA ILE A 478 -17.34 -1.40 0.89
C ILE A 478 -15.84 -1.59 1.16
N GLY A 479 -15.37 -1.05 2.28
CA GLY A 479 -13.94 -1.03 2.60
C GLY A 479 -13.30 -2.37 2.92
N VAL A 480 -11.99 -2.34 3.11
CA VAL A 480 -11.21 -3.47 3.61
C VAL A 480 -10.70 -3.07 4.98
N HIS A 481 -11.33 -3.57 6.04
CA HIS A 481 -11.27 -2.93 7.37
C HIS A 481 -9.89 -2.49 7.93
N PRO A 482 -9.00 -3.45 8.27
CA PRO A 482 -7.78 -3.00 8.92
C PRO A 482 -6.72 -2.47 7.93
N THR A 483 -7.08 -1.43 7.18
CA THR A 483 -6.17 -0.76 6.24
C THR A 483 -6.26 0.76 6.35
N SER A 484 -5.28 1.45 5.77
CA SER A 484 -5.26 2.92 5.73
C SER A 484 -6.04 3.44 4.53
N ALA A 485 -6.02 2.66 3.45
CA ALA A 485 -6.66 3.05 2.19
C ALA A 485 -8.19 3.01 2.24
N GLU A 486 -8.75 2.24 3.19
CA GLU A 486 -10.20 2.14 3.34
C GLU A 486 -10.84 3.44 3.82
N GLU A 487 -10.03 4.31 4.42
CA GLU A 487 -10.49 5.61 4.91
C GLU A 487 -10.87 6.55 3.76
N LEU A 488 -10.37 6.23 2.57
CA LEU A 488 -10.73 6.91 1.32
C LEU A 488 -12.23 6.80 1.05
N CYS A 489 -12.86 5.75 1.57
CA CYS A 489 -14.27 5.48 1.38
C CYS A 489 -15.13 5.90 2.59
N SER A 490 -14.53 6.66 3.50
CA SER A 490 -15.22 7.10 4.72
C SER A 490 -15.53 8.60 4.74
N MET A 491 -15.10 9.31 3.70
CA MET A 491 -15.33 10.75 3.60
C MET A 491 -16.62 11.06 2.83
N ARG A 492 -17.65 11.45 3.59
CA ARG A 492 -18.97 11.76 3.03
C ARG A 492 -19.27 13.26 3.03
N THR A 493 -19.09 13.89 4.19
CA THR A 493 -19.33 15.34 4.33
C THR A 493 -18.03 16.13 4.19
N PRO A 494 -18.03 17.15 3.31
CA PRO A 494 -16.84 17.97 3.08
C PRO A 494 -16.51 18.86 4.27
N ALA A 495 -15.21 19.05 4.52
CA ALA A 495 -14.72 19.90 5.60
C ALA A 495 -15.14 21.35 5.39
N TYR A 496 -14.98 21.83 4.16
CA TYR A 496 -15.43 23.17 3.76
C TYR A 496 -15.48 23.29 2.24
N PHE A 497 -15.77 24.50 1.75
CA PHE A 497 -15.95 24.74 0.32
C PHE A 497 -15.13 25.92 -0.20
N TYR A 498 -14.96 25.97 -1.52
CA TYR A 498 -14.50 27.17 -2.21
C TYR A 498 -15.58 27.60 -3.21
N GLU A 499 -16.01 28.85 -3.09
CA GLU A 499 -17.11 29.37 -3.91
C GLU A 499 -16.61 30.54 -4.76
N SER A 500 -16.47 30.28 -6.06
CA SER A 500 -15.99 31.28 -7.04
C SER A 500 -14.63 31.90 -6.68
N GLY A 501 -13.85 31.19 -5.86
CA GLY A 501 -12.52 31.64 -5.47
C GLY A 501 -12.33 31.84 -3.98
N LYS A 502 -13.41 32.21 -3.28
CA LYS A 502 -13.36 32.50 -1.85
C LYS A 502 -13.32 31.22 -1.02
N ARG A 503 -12.54 31.24 0.08
CA ARG A 503 -12.57 30.16 1.06
C ARG A 503 -13.86 30.30 1.88
N VAL A 504 -14.86 29.50 1.52
CA VAL A 504 -16.18 29.64 2.12
C VAL A 504 -16.44 28.57 3.18
N GLU A 505 -16.89 29.02 4.35
CA GLU A 505 -17.31 28.15 5.45
C GLU A 505 -18.38 27.15 4.99
N LYS A 506 -19.44 27.66 4.37
CA LYS A 506 -20.50 26.83 3.77
C LYS A 506 -21.30 27.62 2.74
N SER B 22 -45.55 6.12 22.39
CA SER B 22 -46.16 4.78 22.10
C SER B 22 -45.43 3.63 22.79
N ARG B 23 -44.17 3.38 22.40
CA ARG B 23 -43.33 2.36 23.04
C ARG B 23 -42.15 3.02 23.76
N ALA B 24 -41.41 2.24 24.54
CA ALA B 24 -40.24 2.75 25.27
C ALA B 24 -39.07 3.12 24.34
N TYR B 25 -38.74 2.22 23.42
CA TYR B 25 -37.64 2.43 22.47
C TYR B 25 -38.12 2.24 21.03
N ASP B 26 -37.45 2.93 20.10
CA ASP B 26 -37.70 2.73 18.67
C ASP B 26 -36.97 1.48 18.17
N LEU B 27 -35.79 1.22 18.71
CA LEU B 27 -34.95 0.11 18.28
C LEU B 27 -34.26 -0.53 19.48
N VAL B 28 -34.26 -1.87 19.49
CA VAL B 28 -33.39 -2.63 20.38
C VAL B 28 -32.43 -3.47 19.54
N VAL B 29 -31.15 -3.17 19.66
CA VAL B 29 -30.11 -3.90 18.92
C VAL B 29 -29.48 -4.97 19.82
N LEU B 30 -29.69 -6.23 19.45
CA LEU B 30 -29.06 -7.34 20.15
C LEU B 30 -27.66 -7.56 19.58
N GLY B 31 -26.66 -7.02 20.27
CA GLY B 31 -25.27 -7.11 19.84
C GLY B 31 -24.69 -5.76 19.47
N ALA B 32 -23.71 -5.31 20.26
CA ALA B 32 -23.04 -4.04 20.03
C ALA B 32 -21.78 -4.25 19.19
N GLY B 33 -21.96 -4.88 18.02
CA GLY B 33 -20.84 -5.21 17.15
C GLY B 33 -20.53 -4.15 16.10
N SER B 34 -19.79 -4.56 15.08
CA SER B 34 -19.46 -3.68 13.96
C SER B 34 -20.73 -3.16 13.30
N GLY B 35 -21.63 -4.06 12.99
CA GLY B 35 -22.93 -3.72 12.41
C GLY B 35 -23.88 -3.12 13.42
N GLY B 36 -23.97 -3.75 14.59
CA GLY B 36 -24.86 -3.32 15.66
C GLY B 36 -24.71 -1.86 16.05
N LEU B 37 -23.50 -1.47 16.43
CA LEU B 37 -23.20 -0.09 16.85
C LEU B 37 -23.38 0.92 15.72
N GLU B 38 -23.14 0.49 14.49
CA GLU B 38 -23.34 1.34 13.32
C GLU B 38 -24.79 1.78 13.20
N ALA B 39 -25.70 0.81 13.31
CA ALA B 39 -27.13 1.08 13.25
C ALA B 39 -27.60 1.87 14.47
N GLY B 40 -27.11 1.49 15.65
CA GLY B 40 -27.46 2.16 16.91
C GLY B 40 -27.18 3.64 16.86
N TRP B 41 -25.93 4.00 16.57
CA TRP B 41 -25.51 5.39 16.46
C TRP B 41 -26.31 6.14 15.40
N ASN B 42 -26.45 5.55 14.23
CA ASN B 42 -27.14 6.19 13.09
C ASN B 42 -28.60 6.55 13.36
N ALA B 43 -29.33 5.61 13.95
CA ALA B 43 -30.72 5.82 14.31
C ALA B 43 -30.86 6.91 15.37
N ALA B 44 -29.98 6.87 16.36
CA ALA B 44 -30.04 7.78 17.50
C ALA B 44 -29.56 9.20 17.22
N VAL B 45 -28.56 9.34 16.35
CA VAL B 45 -27.95 10.66 16.09
C VAL B 45 -28.54 11.35 14.85
N THR B 46 -28.46 10.68 13.70
CA THR B 46 -28.92 11.26 12.43
C THR B 46 -30.42 11.09 12.18
N HIS B 47 -31.14 10.56 13.17
CA HIS B 47 -32.60 10.42 13.10
C HIS B 47 -33.30 10.73 14.42
N LYS B 48 -32.51 10.89 15.48
CA LYS B 48 -33.02 11.15 16.84
C LYS B 48 -34.08 10.13 17.26
N LYS B 49 -33.64 8.90 17.46
CA LYS B 49 -34.52 7.81 17.89
C LYS B 49 -34.07 7.27 19.25
N LYS B 50 -35.01 6.67 19.97
CA LYS B 50 -34.71 6.05 21.26
C LYS B 50 -34.17 4.65 20.99
N VAL B 51 -32.85 4.50 21.11
CA VAL B 51 -32.18 3.25 20.77
C VAL B 51 -31.58 2.60 22.01
N ALA B 52 -31.87 1.31 22.18
CA ALA B 52 -31.27 0.50 23.22
C ALA B 52 -30.34 -0.52 22.58
N VAL B 53 -29.10 -0.56 23.04
CA VAL B 53 -28.13 -1.53 22.53
C VAL B 53 -27.78 -2.53 23.64
N VAL B 54 -27.92 -3.82 23.33
CA VAL B 54 -27.70 -4.88 24.30
C VAL B 54 -26.42 -5.63 23.98
N ASP B 55 -25.58 -5.84 24.99
CA ASP B 55 -24.37 -6.65 24.84
C ASP B 55 -23.94 -7.31 26.15
N VAL B 56 -23.07 -8.30 26.02
CA VAL B 56 -22.66 -9.17 27.12
C VAL B 56 -21.89 -8.46 28.24
N GLN B 57 -20.93 -7.63 27.86
CA GLN B 57 -20.07 -6.93 28.83
C GLN B 57 -19.53 -5.62 28.25
N ALA B 58 -18.88 -4.82 29.09
CA ALA B 58 -18.41 -3.49 28.69
C ALA B 58 -16.99 -3.49 28.13
N THR B 59 -16.08 -4.20 28.78
CA THR B 59 -14.69 -4.31 28.31
C THR B 59 -14.33 -5.76 27.97
N HIS B 60 -13.38 -5.92 27.04
CA HIS B 60 -12.91 -7.23 26.61
C HIS B 60 -12.46 -8.09 27.78
N GLY B 61 -12.58 -9.41 27.65
CA GLY B 61 -12.22 -10.31 28.75
C GLY B 61 -12.46 -11.79 28.48
N PRO B 62 -11.54 -12.65 28.97
CA PRO B 62 -11.52 -14.09 28.74
C PRO B 62 -12.69 -14.96 29.24
N PRO B 63 -13.50 -14.52 30.22
CA PRO B 63 -14.68 -15.37 30.50
C PRO B 63 -15.64 -15.42 29.31
N LEU B 64 -16.24 -14.28 28.97
CA LEU B 64 -17.05 -14.14 27.76
C LEU B 64 -16.30 -13.14 26.89
N PHE B 65 -15.76 -13.62 25.77
CA PHE B 65 -14.70 -12.90 25.04
C PHE B 65 -15.11 -11.57 24.43
N ALA B 66 -16.15 -11.59 23.60
CA ALA B 66 -16.65 -10.40 22.94
C ALA B 66 -17.19 -9.37 23.94
N ALA B 67 -17.24 -8.11 23.53
CA ALA B 67 -17.73 -7.04 24.39
C ALA B 67 -18.35 -5.89 23.58
N LEU B 68 -18.35 -4.71 24.19
CA LEU B 68 -18.80 -3.48 23.54
C LEU B 68 -17.85 -3.16 22.39
N GLY B 69 -18.34 -3.31 21.16
CA GLY B 69 -17.51 -3.18 19.97
C GLY B 69 -17.56 -4.44 19.11
N GLY B 70 -18.09 -5.52 19.69
CA GLY B 70 -18.22 -6.80 19.00
C GLY B 70 -16.92 -7.54 18.86
N THR B 71 -16.98 -8.71 18.21
CA THR B 71 -15.79 -9.51 17.93
C THR B 71 -14.72 -8.65 17.28
N CYS B 72 -15.09 -7.95 16.22
CA CYS B 72 -14.20 -7.04 15.50
C CYS B 72 -13.20 -6.29 16.38
N VAL B 73 -13.71 -5.58 17.38
CA VAL B 73 -12.89 -4.72 18.23
C VAL B 73 -12.15 -5.52 19.31
N ASN B 74 -12.85 -6.45 19.93
CA ASN B 74 -12.35 -7.16 21.12
C ASN B 74 -11.51 -8.40 20.80
N VAL B 75 -12.07 -9.31 20.02
CA VAL B 75 -11.40 -10.58 19.70
C VAL B 75 -11.37 -10.85 18.19
N GLY B 76 -11.20 -9.78 17.41
CA GLY B 76 -11.25 -9.87 15.95
C GLY B 76 -10.17 -9.07 15.26
N CYS B 77 -10.57 -8.26 14.28
CA CYS B 77 -9.65 -7.55 13.39
C CYS B 77 -8.63 -6.68 14.12
N VAL B 78 -9.13 -5.86 15.05
CA VAL B 78 -8.28 -4.88 15.76
C VAL B 78 -7.07 -5.52 16.46
N PRO B 79 -7.31 -6.43 17.43
CA PRO B 79 -6.16 -7.04 18.13
C PRO B 79 -5.32 -7.95 17.22
N LYS B 80 -5.98 -8.62 16.27
CA LYS B 80 -5.32 -9.47 15.28
C LYS B 80 -4.25 -8.68 14.52
N LYS B 81 -4.65 -7.54 13.97
CA LYS B 81 -3.76 -6.67 13.19
C LYS B 81 -2.57 -6.22 14.02
N LEU B 82 -2.82 -5.87 15.28
CA LEU B 82 -1.77 -5.46 16.21
C LEU B 82 -0.73 -6.56 16.39
N MET B 83 -1.20 -7.80 16.53
CA MET B 83 -0.32 -8.94 16.72
C MET B 83 0.41 -9.32 15.42
N VAL B 84 -0.30 -9.29 14.31
CA VAL B 84 0.30 -9.54 12.99
C VAL B 84 1.41 -8.52 12.69
N THR B 85 1.18 -7.27 13.08
CA THR B 85 2.18 -6.21 12.91
C THR B 85 3.41 -6.46 13.78
N GLY B 86 3.19 -7.00 14.97
CA GLY B 86 4.26 -7.30 15.91
C GLY B 86 5.13 -8.45 15.41
N ALA B 87 4.49 -9.48 14.87
CA ALA B 87 5.19 -10.64 14.34
C ALA B 87 6.01 -10.29 13.11
N GLN B 88 5.49 -9.37 12.32
CA GLN B 88 6.11 -8.92 11.08
C GLN B 88 7.51 -8.33 11.31
N TYR B 89 7.80 -7.95 12.55
CA TYR B 89 9.09 -7.38 12.91
C TYR B 89 10.22 -8.40 12.84
N MET B 90 9.91 -9.67 13.08
CA MET B 90 10.89 -10.75 12.98
C MET B 90 11.59 -10.70 11.62
N ASP B 91 10.79 -10.60 10.56
CA ASP B 91 11.30 -10.47 9.21
C ASP B 91 12.13 -9.20 9.07
N LEU B 92 11.55 -8.07 9.49
CA LEU B 92 12.16 -6.74 9.33
C LEU B 92 13.48 -6.56 10.10
N ILE B 93 13.57 -7.15 11.28
CA ILE B 93 14.80 -7.11 12.07
C ILE B 93 15.90 -7.93 11.41
N ARG B 94 15.50 -9.09 10.86
CA ARG B 94 16.42 -9.95 10.11
C ARG B 94 16.85 -9.28 8.80
N GLU B 95 15.89 -8.66 8.11
CA GLU B 95 16.13 -8.02 6.81
C GLU B 95 17.00 -6.78 6.90
N SER B 96 17.01 -6.12 8.07
CA SER B 96 17.75 -4.88 8.26
C SER B 96 19.26 -5.06 8.14
N GLY B 97 19.72 -6.28 8.45
CA GLY B 97 21.13 -6.64 8.36
C GLY B 97 21.78 -6.28 7.03
N GLY B 98 21.14 -6.69 5.94
CA GLY B 98 21.62 -6.43 4.59
C GLY B 98 21.78 -4.96 4.27
N PHE B 99 21.06 -4.11 5.00
CA PHE B 99 21.12 -2.66 4.80
C PHE B 99 22.11 -1.98 5.75
N GLY B 100 22.85 -2.77 6.51
CA GLY B 100 23.90 -2.26 7.39
C GLY B 100 23.52 -2.10 8.85
N TRP B 101 22.34 -2.61 9.21
CA TRP B 101 21.88 -2.54 10.58
C TRP B 101 22.32 -3.78 11.35
N GLU B 102 23.18 -3.58 12.35
CA GLU B 102 23.83 -4.67 13.06
C GLU B 102 23.48 -4.71 14.55
N MET B 103 23.09 -5.88 15.04
CA MET B 103 22.85 -6.12 16.47
C MET B 103 22.97 -7.60 16.86
N ASP B 104 22.67 -7.91 18.13
CA ASP B 104 22.73 -9.28 18.66
C ASP B 104 21.60 -10.18 18.13
N ARG B 105 21.79 -10.69 16.90
CA ARG B 105 20.75 -11.47 16.22
C ARG B 105 20.71 -12.95 16.64
N GLU B 106 21.73 -13.39 17.38
CA GLU B 106 21.80 -14.78 17.86
C GLU B 106 20.67 -15.17 18.81
N SER B 107 19.79 -16.06 18.32
CA SER B 107 18.57 -16.52 19.02
C SER B 107 17.74 -15.41 19.70
N LEU B 108 17.56 -14.30 18.97
CA LEU B 108 16.78 -13.16 19.44
C LEU B 108 15.29 -13.51 19.41
N CYS B 109 14.65 -13.43 20.57
CA CYS B 109 13.24 -13.78 20.69
C CYS B 109 12.40 -12.62 21.23
N PRO B 110 11.11 -12.57 20.85
CA PRO B 110 10.23 -11.48 21.28
C PRO B 110 9.58 -11.74 22.65
N ASN B 111 9.00 -10.69 23.22
CA ASN B 111 8.30 -10.80 24.50
C ASN B 111 6.79 -10.84 24.26
N TRP B 112 6.21 -12.03 24.41
CA TRP B 112 4.78 -12.25 24.20
C TRP B 112 3.95 -11.53 25.25
N LYS B 113 4.47 -11.49 26.46
CA LYS B 113 3.76 -10.92 27.61
C LYS B 113 3.56 -9.42 27.45
N THR B 114 4.59 -8.73 26.94
CA THR B 114 4.50 -7.28 26.74
C THR B 114 3.75 -6.91 25.46
N LEU B 115 3.51 -7.90 24.60
CA LEU B 115 2.65 -7.70 23.42
C LEU B 115 1.18 -7.71 23.83
N ILE B 116 0.77 -8.80 24.48
CA ILE B 116 -0.58 -8.95 25.02
C ILE B 116 -0.91 -7.79 25.96
N ALA B 117 0.07 -7.38 26.77
CA ALA B 117 -0.07 -6.22 27.65
C ALA B 117 -0.43 -4.97 26.84
N ALA B 118 0.38 -4.68 25.82
CA ALA B 118 0.16 -3.52 24.95
C ALA B 118 -1.14 -3.64 24.16
N LYS B 119 -1.44 -4.87 23.71
CA LYS B 119 -2.67 -5.16 22.97
C LYS B 119 -3.91 -4.87 23.80
N ASN B 120 -3.92 -5.35 25.05
CA ASN B 120 -5.04 -5.13 25.96
C ASN B 120 -5.27 -3.65 26.26
N LYS B 121 -4.18 -2.89 26.36
CA LYS B 121 -4.25 -1.46 26.67
C LYS B 121 -4.92 -0.67 25.55
N VAL B 122 -4.77 -1.16 24.32
CA VAL B 122 -5.38 -0.53 23.15
C VAL B 122 -6.84 -0.94 23.01
N VAL B 123 -7.12 -2.22 23.19
CA VAL B 123 -8.48 -2.74 23.10
C VAL B 123 -9.37 -2.12 24.17
N ASN B 124 -8.86 -2.05 25.40
CA ASN B 124 -9.60 -1.45 26.50
C ASN B 124 -9.84 0.05 26.29
N SER B 125 -8.89 0.70 25.65
CA SER B 125 -8.99 2.12 25.33
C SER B 125 -10.17 2.38 24.38
N ILE B 126 -10.38 1.46 23.43
CA ILE B 126 -11.52 1.53 22.53
C ILE B 126 -12.82 1.20 23.28
N ASN B 127 -12.75 0.21 24.16
CA ASN B 127 -13.87 -0.13 25.04
C ASN B 127 -14.31 1.09 25.85
N GLU B 128 -13.33 1.83 26.36
CA GLU B 128 -13.60 2.97 27.23
C GLU B 128 -14.23 4.15 26.49
N SER B 129 -13.80 4.37 25.26
CA SER B 129 -14.34 5.47 24.44
C SER B 129 -15.74 5.13 23.93
N TYR B 130 -16.10 3.85 23.95
CA TYR B 130 -17.46 3.43 23.63
C TYR B 130 -18.40 3.64 24.81
N LYS B 131 -17.86 3.57 26.02
CA LYS B 131 -18.62 3.84 27.24
C LYS B 131 -19.06 5.30 27.27
N SER B 132 -18.10 6.20 27.11
CA SER B 132 -18.39 7.63 27.12
C SER B 132 -19.23 8.07 25.93
N MET B 133 -19.23 7.28 24.86
CA MET B 133 -20.11 7.51 23.73
C MET B 133 -21.57 7.33 24.15
N PHE B 134 -21.83 6.28 24.92
CA PHE B 134 -23.18 6.00 25.43
C PHE B 134 -23.63 6.99 26.50
N ALA B 135 -22.66 7.54 27.24
CA ALA B 135 -22.95 8.55 28.26
C ALA B 135 -23.15 9.94 27.66
N ASP B 136 -22.60 10.16 26.46
CA ASP B 136 -22.65 11.48 25.80
C ASP B 136 -23.70 11.59 24.69
N THR B 137 -24.05 10.46 24.08
CA THR B 137 -25.09 10.45 23.06
C THR B 137 -26.46 10.18 23.69
N GLU B 138 -27.36 11.14 23.52
CA GLU B 138 -28.73 11.04 24.04
C GLU B 138 -29.63 10.35 23.02
N GLY B 139 -30.42 9.41 23.49
CA GLY B 139 -31.17 8.51 22.62
C GLY B 139 -30.59 7.11 22.68
N LEU B 140 -29.26 7.04 22.80
CA LEU B 140 -28.55 5.77 22.95
C LEU B 140 -28.44 5.36 24.41
N SER B 141 -28.64 4.07 24.65
CA SER B 141 -28.47 3.48 25.98
C SER B 141 -27.93 2.06 25.88
N PHE B 142 -26.89 1.80 26.68
CA PHE B 142 -26.28 0.48 26.73
C PHE B 142 -26.93 -0.36 27.81
N HIS B 143 -27.23 -1.62 27.48
CA HIS B 143 -27.90 -2.52 28.41
C HIS B 143 -27.15 -3.84 28.51
N MET B 144 -26.43 -4.01 29.62
CA MET B 144 -25.55 -5.16 29.80
C MET B 144 -26.31 -6.43 30.16
N GLY B 145 -25.97 -7.52 29.47
CA GLY B 145 -26.62 -8.81 29.67
C GLY B 145 -26.89 -9.53 28.36
N PHE B 146 -27.50 -10.71 28.46
CA PHE B 146 -27.85 -11.51 27.28
C PHE B 146 -29.28 -11.26 26.83
N GLY B 147 -29.43 -10.64 25.66
CA GLY B 147 -30.74 -10.40 25.07
C GLY B 147 -31.34 -11.65 24.47
N ALA B 148 -32.68 -11.70 24.50
CA ALA B 148 -33.45 -12.82 23.93
C ALA B 148 -34.84 -12.32 23.54
N LEU B 149 -35.40 -12.89 22.48
CA LEU B 149 -36.70 -12.47 22.00
C LEU B 149 -37.85 -13.07 22.80
N GLN B 150 -38.84 -12.24 23.11
CA GLN B 150 -40.03 -12.69 23.82
C GLN B 150 -41.23 -12.68 22.87
N ASP B 151 -41.37 -11.60 22.12
CA ASP B 151 -42.35 -11.51 21.04
C ASP B 151 -41.86 -10.51 19.99
N ALA B 152 -42.75 -10.15 19.07
CA ALA B 152 -42.41 -9.25 17.97
C ALA B 152 -41.93 -7.86 18.45
N HIS B 153 -42.24 -7.51 19.69
CA HIS B 153 -41.94 -6.16 20.19
C HIS B 153 -41.22 -6.12 21.55
N THR B 154 -40.93 -7.29 22.11
CA THR B 154 -40.32 -7.39 23.43
C THR B 154 -39.01 -8.16 23.42
N VAL B 155 -37.94 -7.50 23.87
CA VAL B 155 -36.64 -8.14 24.05
C VAL B 155 -36.34 -8.18 25.55
N VAL B 156 -36.02 -9.37 26.04
CA VAL B 156 -35.76 -9.59 27.46
C VAL B 156 -34.26 -9.75 27.69
N VAL B 157 -33.72 -8.95 28.61
CA VAL B 157 -32.31 -9.02 28.97
C VAL B 157 -32.14 -9.88 30.23
N ARG B 158 -31.39 -10.98 30.10
CA ARG B 158 -31.08 -11.86 31.22
C ARG B 158 -29.61 -11.74 31.59
N LYS B 159 -29.24 -12.29 32.74
CA LYS B 159 -27.83 -12.27 33.15
C LYS B 159 -27.05 -13.50 32.68
N SER B 160 -27.73 -14.42 32.01
CA SER B 160 -27.11 -15.62 31.43
C SER B 160 -27.79 -16.02 30.11
N GLU B 161 -27.12 -16.88 29.35
CA GLU B 161 -27.71 -17.48 28.14
C GLU B 161 -28.80 -18.49 28.49
N ASP B 162 -28.75 -19.00 29.72
CA ASP B 162 -29.80 -19.83 30.30
C ASP B 162 -31.12 -19.06 30.32
N PRO B 163 -32.18 -19.64 29.73
CA PRO B 163 -33.48 -18.96 29.67
C PRO B 163 -34.18 -18.86 31.02
N HIS B 164 -33.61 -19.53 32.03
CA HIS B 164 -34.23 -19.60 33.36
C HIS B 164 -33.53 -18.72 34.39
N SER B 165 -32.42 -18.09 34.00
CA SER B 165 -31.69 -17.16 34.87
C SER B 165 -32.43 -15.83 34.99
N ASP B 166 -32.09 -15.05 36.01
CA ASP B 166 -32.75 -13.79 36.32
C ASP B 166 -32.89 -12.84 35.14
N VAL B 167 -34.07 -12.23 35.03
CA VAL B 167 -34.36 -11.20 34.04
C VAL B 167 -33.95 -9.84 34.59
N LEU B 168 -32.97 -9.21 33.94
CA LEU B 168 -32.47 -7.90 34.36
C LEU B 168 -33.32 -6.74 33.84
N GLU B 169 -33.72 -6.83 32.57
CA GLU B 169 -34.52 -5.79 31.92
C GLU B 169 -35.52 -6.36 30.94
N THR B 170 -36.62 -5.62 30.72
CA THR B 170 -37.61 -5.96 29.71
C THR B 170 -37.83 -4.74 28.81
N LEU B 171 -37.28 -4.83 27.60
CA LEU B 171 -37.28 -3.70 26.67
C LEU B 171 -38.46 -3.76 25.70
N ASP B 172 -39.24 -2.68 25.67
CA ASP B 172 -40.41 -2.58 24.80
C ASP B 172 -40.08 -1.70 23.58
N THR B 173 -40.11 -2.28 22.39
CA THR B 173 -39.60 -1.59 21.19
C THR B 173 -40.46 -1.72 19.93
N GLU B 174 -40.31 -0.74 19.04
CA GLU B 174 -40.95 -0.74 17.72
C GLU B 174 -40.26 -1.77 16.82
N TYR B 175 -38.96 -1.61 16.64
CA TYR B 175 -38.15 -2.49 15.80
C TYR B 175 -37.10 -3.25 16.62
N ILE B 176 -36.70 -4.42 16.10
CA ILE B 176 -35.66 -5.24 16.70
C ILE B 176 -34.60 -5.59 15.66
N LEU B 177 -33.34 -5.31 15.98
CA LEU B 177 -32.22 -5.69 15.10
C LEU B 177 -31.30 -6.71 15.77
N ILE B 178 -31.01 -7.78 15.05
CA ILE B 178 -30.15 -8.85 15.54
C ILE B 178 -28.76 -8.71 14.92
N ALA B 179 -27.77 -8.45 15.76
CA ALA B 179 -26.39 -8.29 15.30
C ALA B 179 -25.42 -8.98 16.25
N THR B 180 -25.77 -10.22 16.61
CA THR B 180 -24.99 -11.00 17.58
C THR B 180 -23.78 -11.70 16.97
N GLY B 181 -23.60 -11.56 15.66
CA GLY B 181 -22.43 -12.10 14.97
C GLY B 181 -22.34 -13.61 14.96
N SER B 182 -21.11 -14.12 14.88
CA SER B 182 -20.87 -15.56 14.79
C SER B 182 -20.00 -16.05 15.95
N TRP B 183 -19.74 -17.36 15.97
CA TRP B 183 -19.01 -18.00 17.07
C TRP B 183 -18.17 -19.17 16.54
N PRO B 184 -16.94 -19.37 17.08
CA PRO B 184 -16.05 -20.43 16.60
C PRO B 184 -16.69 -21.82 16.56
N THR B 185 -16.37 -22.57 15.52
CA THR B 185 -16.81 -23.97 15.38
C THR B 185 -15.71 -24.88 15.88
N ARG B 186 -16.11 -25.94 16.59
CA ARG B 186 -15.19 -26.99 16.99
C ARG B 186 -15.52 -28.28 16.24
N LEU B 187 -14.56 -29.20 16.17
CA LEU B 187 -14.81 -30.51 15.56
C LEU B 187 -15.15 -31.56 16.62
N GLY B 188 -16.18 -32.36 16.33
CA GLY B 188 -16.69 -33.35 17.28
C GLY B 188 -15.78 -34.56 17.44
N VAL B 189 -14.68 -34.36 18.17
CA VAL B 189 -13.73 -35.44 18.46
C VAL B 189 -13.40 -35.48 19.95
N PRO B 190 -13.02 -36.65 20.47
CA PRO B 190 -12.52 -36.73 21.85
C PRO B 190 -11.26 -35.87 22.04
N GLY B 191 -11.30 -35.02 23.07
CA GLY B 191 -10.20 -34.10 23.35
C GLY B 191 -10.40 -32.73 22.73
N ASP B 192 -11.65 -32.45 22.32
CA ASP B 192 -12.02 -31.21 21.66
C ASP B 192 -11.87 -29.98 22.56
N GLU B 193 -12.17 -30.17 23.85
CA GLU B 193 -12.12 -29.07 24.83
C GLU B 193 -10.70 -28.80 25.37
N PHE B 194 -9.75 -29.64 24.98
CA PHE B 194 -8.34 -29.40 25.29
C PHE B 194 -7.74 -28.34 24.36
N CYS B 195 -8.42 -28.11 23.23
CA CYS B 195 -7.99 -27.15 22.23
C CYS B 195 -8.42 -25.72 22.57
N ILE B 196 -7.78 -24.77 21.90
CA ILE B 196 -8.19 -23.37 21.97
C ILE B 196 -8.79 -22.92 20.63
N THR B 197 -9.46 -21.78 20.62
CA THR B 197 -9.93 -21.16 19.38
C THR B 197 -9.26 -19.79 19.23
N SER B 198 -9.71 -18.98 18.29
CA SER B 198 -9.18 -17.63 18.11
C SER B 198 -9.38 -16.79 19.36
N ASN B 199 -10.49 -17.04 20.05
CA ASN B 199 -10.84 -16.37 21.31
C ASN B 199 -9.77 -16.51 22.39
N GLU B 200 -9.46 -17.75 22.76
CA GLU B 200 -8.50 -18.05 23.83
C GLU B 200 -7.08 -17.63 23.46
N ALA B 201 -6.78 -17.66 22.17
CA ALA B 201 -5.46 -17.31 21.65
C ALA B 201 -5.02 -15.91 22.06
N PHE B 202 -5.99 -15.00 22.13
CA PHE B 202 -5.72 -13.60 22.48
C PHE B 202 -5.28 -13.38 23.92
N TYR B 203 -5.50 -14.39 24.76
CA TYR B 203 -5.25 -14.25 26.20
C TYR B 203 -4.34 -15.32 26.79
N LEU B 204 -3.59 -16.00 25.93
CA LEU B 204 -2.58 -16.97 26.35
C LEU B 204 -1.56 -16.33 27.28
N GLU B 205 -1.22 -17.05 28.36
CA GLU B 205 -0.26 -16.57 29.36
C GLU B 205 1.14 -16.48 28.74
N ASP B 206 1.51 -17.52 28.00
CA ASP B 206 2.81 -17.59 27.33
C ASP B 206 2.64 -17.98 25.85
N ALA B 207 3.59 -17.55 25.02
CA ALA B 207 3.63 -17.93 23.62
C ALA B 207 4.07 -19.39 23.50
N PRO B 208 3.28 -20.22 22.81
CA PRO B 208 3.58 -21.65 22.69
C PRO B 208 4.86 -21.93 21.91
N LYS B 209 5.61 -22.96 22.34
CA LYS B 209 6.81 -23.41 21.65
C LYS B 209 6.43 -24.34 20.51
N ARG B 210 5.61 -25.34 20.82
CA ARG B 210 5.18 -26.32 19.84
C ARG B 210 3.71 -26.11 19.49
N MET B 211 3.48 -25.42 18.38
CA MET B 211 2.15 -24.95 18.00
C MET B 211 1.54 -25.74 16.84
N LEU B 212 0.26 -26.06 16.94
CA LEU B 212 -0.50 -26.64 15.84
C LEU B 212 -1.73 -25.79 15.51
N CYS B 213 -1.83 -25.37 14.25
CA CYS B 213 -3.01 -24.66 13.76
C CYS B 213 -3.82 -25.58 12.87
N VAL B 214 -5.04 -25.90 13.29
CA VAL B 214 -5.90 -26.80 12.54
C VAL B 214 -6.80 -26.03 11.58
N GLY B 215 -6.78 -26.43 10.31
CA GLY B 215 -7.60 -25.80 9.28
C GLY B 215 -6.76 -25.04 8.28
N GLY B 216 -7.41 -24.61 7.19
CA GLY B 216 -6.75 -23.82 6.15
C GLY B 216 -7.55 -22.59 5.77
N GLY B 217 -8.13 -21.94 6.78
CA GLY B 217 -8.95 -20.75 6.57
C GLY B 217 -8.22 -19.45 6.86
N TYR B 218 -8.98 -18.36 6.90
CA TYR B 218 -8.46 -17.02 7.20
C TYR B 218 -7.64 -17.00 8.49
N ILE B 219 -8.27 -17.39 9.59
CA ILE B 219 -7.66 -17.38 10.93
C ILE B 219 -6.45 -18.31 10.98
N ALA B 220 -6.61 -19.52 10.47
CA ALA B 220 -5.56 -20.52 10.46
C ALA B 220 -4.23 -19.96 9.92
N VAL B 221 -4.29 -19.37 8.73
CA VAL B 221 -3.11 -18.82 8.06
C VAL B 221 -2.59 -17.58 8.78
N GLU B 222 -3.50 -16.70 9.19
CA GLU B 222 -3.13 -15.46 9.86
C GLU B 222 -2.45 -15.70 11.21
N PHE B 223 -3.06 -16.55 12.04
CA PHE B 223 -2.52 -16.85 13.37
C PHE B 223 -1.26 -17.71 13.33
N ALA B 224 -1.15 -18.56 12.31
CA ALA B 224 0.08 -19.31 12.07
C ALA B 224 1.27 -18.36 11.99
N GLY B 225 1.08 -17.24 11.30
CA GLY B 225 2.09 -16.21 11.19
C GLY B 225 2.41 -15.50 12.50
N ILE B 226 1.39 -15.27 13.33
CA ILE B 226 1.56 -14.61 14.62
C ILE B 226 2.42 -15.45 15.55
N PHE B 227 2.00 -16.70 15.77
CA PHE B 227 2.72 -17.63 16.64
C PHE B 227 4.14 -17.87 16.15
N ASN B 228 4.31 -17.97 14.83
CA ASN B 228 5.63 -18.16 14.21
C ASN B 228 6.55 -16.96 14.42
N GLY B 229 5.95 -15.79 14.58
CA GLY B 229 6.70 -14.58 14.88
C GLY B 229 7.06 -14.51 16.35
N TYR B 230 6.14 -15.02 17.19
CA TYR B 230 6.29 -14.93 18.64
C TYR B 230 6.67 -16.24 19.33
N LYS B 231 7.10 -17.22 18.54
CA LYS B 231 7.63 -18.48 19.08
C LYS B 231 8.92 -18.22 19.87
N PRO B 232 9.12 -18.95 20.98
CA PRO B 232 10.35 -18.81 21.76
C PRO B 232 11.55 -19.47 21.05
N CYS B 233 12.35 -20.23 21.79
CA CYS B 233 13.53 -20.86 21.21
C CYS B 233 13.26 -22.24 20.66
N GLY B 234 13.78 -22.50 19.46
CA GLY B 234 13.60 -23.78 18.77
C GLY B 234 12.15 -24.13 18.52
N GLY B 235 11.27 -23.15 18.69
CA GLY B 235 9.83 -23.33 18.51
C GLY B 235 9.45 -23.54 17.06
N TYR B 236 8.28 -24.13 16.85
CA TYR B 236 7.77 -24.41 15.50
C TYR B 236 6.25 -24.38 15.44
N VAL B 237 5.73 -23.89 14.32
CA VAL B 237 4.30 -23.83 14.09
C VAL B 237 3.92 -24.76 12.95
N ASP B 238 3.07 -25.73 13.25
CA ASP B 238 2.58 -26.66 12.23
C ASP B 238 1.15 -26.34 11.86
N LEU B 239 0.93 -26.02 10.58
CA LEU B 239 -0.41 -25.80 10.07
C LEU B 239 -0.84 -27.07 9.35
N CYS B 240 -1.97 -27.64 9.77
CA CYS B 240 -2.53 -28.81 9.08
C CYS B 240 -3.90 -28.49 8.47
N TYR B 241 -4.12 -29.00 7.27
CA TYR B 241 -5.36 -28.77 6.54
C TYR B 241 -5.98 -30.07 6.04
N ARG B 242 -7.30 -30.14 6.13
CA ARG B 242 -8.09 -31.30 5.72
C ARG B 242 -7.88 -31.68 4.24
N GLY B 243 -7.82 -30.68 3.36
CA GLY B 243 -7.65 -30.90 1.92
C GLY B 243 -6.21 -30.75 1.45
N ASP B 244 -6.01 -30.57 0.15
CA ASP B 244 -4.66 -30.55 -0.42
C ASP B 244 -4.12 -29.17 -0.83
N LEU B 245 -4.92 -28.13 -0.67
CA LEU B 245 -4.45 -26.76 -0.86
C LEU B 245 -5.22 -25.78 0.03
N ILE B 246 -4.49 -25.08 0.89
CA ILE B 246 -5.08 -24.14 1.85
C ILE B 246 -5.80 -22.97 1.18
N LEU B 247 -6.73 -22.36 1.92
CA LEU B 247 -7.51 -21.21 1.47
C LEU B 247 -8.35 -21.52 0.23
N ARG B 248 -9.28 -22.47 0.39
CA ARG B 248 -10.21 -22.83 -0.66
C ARG B 248 -11.09 -21.63 -0.98
N GLY B 249 -11.27 -21.36 -2.28
CA GLY B 249 -12.06 -20.21 -2.73
C GLY B 249 -11.20 -19.08 -3.23
N PHE B 250 -9.92 -19.09 -2.87
CA PHE B 250 -8.96 -18.09 -3.34
C PHE B 250 -8.28 -18.54 -4.63
N ASP B 251 -7.61 -17.60 -5.30
CA ASP B 251 -6.87 -17.88 -6.52
C ASP B 251 -5.87 -19.01 -6.31
N THR B 252 -6.06 -20.10 -7.04
CA THR B 252 -5.24 -21.31 -6.92
C THR B 252 -3.73 -21.06 -7.02
N GLU B 253 -3.34 -20.07 -7.82
CA GLU B 253 -1.93 -19.75 -8.02
C GLU B 253 -1.38 -18.91 -6.86
N VAL B 254 -2.24 -18.10 -6.26
CA VAL B 254 -1.88 -17.34 -5.06
C VAL B 254 -1.70 -18.29 -3.87
N ARG B 255 -2.65 -19.20 -3.70
CA ARG B 255 -2.63 -20.21 -2.65
C ARG B 255 -1.34 -21.03 -2.64
N LYS B 256 -0.95 -21.52 -3.82
CA LYS B 256 0.28 -22.30 -3.98
C LYS B 256 1.54 -21.49 -3.63
N SER B 257 1.55 -20.22 -4.02
CA SER B 257 2.69 -19.34 -3.78
C SER B 257 2.80 -18.94 -2.31
N LEU B 258 1.65 -18.81 -1.66
CA LEU B 258 1.59 -18.48 -0.24
C LEU B 258 2.05 -19.67 0.60
N THR B 259 1.60 -20.87 0.24
CA THR B 259 2.04 -22.11 0.87
C THR B 259 3.57 -22.22 0.84
N LYS B 260 4.15 -21.88 -0.30
CA LYS B 260 5.59 -21.92 -0.50
C LYS B 260 6.31 -20.91 0.40
N GLN B 261 5.66 -19.77 0.61
CA GLN B 261 6.25 -18.66 1.37
C GLN B 261 6.09 -18.77 2.89
N LEU B 262 4.98 -19.38 3.33
CA LEU B 262 4.80 -19.70 4.74
C LEU B 262 5.85 -20.71 5.17
N GLY B 263 6.14 -21.66 4.28
CA GLY B 263 7.17 -22.67 4.49
C GLY B 263 8.54 -22.01 4.66
N ALA B 264 8.91 -21.19 3.69
CA ALA B 264 10.19 -20.50 3.69
C ALA B 264 10.37 -19.59 4.91
N ASN B 265 9.26 -19.18 5.51
CA ASN B 265 9.27 -18.31 6.67
C ASN B 265 9.31 -19.09 7.99
N GLY B 266 9.10 -20.41 7.91
CA GLY B 266 9.18 -21.28 9.07
C GLY B 266 8.00 -22.23 9.25
N ILE B 267 6.80 -21.75 8.93
CA ILE B 267 5.56 -22.52 9.14
C ILE B 267 5.51 -23.77 8.28
N ARG B 268 5.46 -24.92 8.94
CA ARG B 268 5.42 -26.21 8.26
C ARG B 268 3.97 -26.56 7.87
N VAL B 269 3.67 -26.40 6.58
CA VAL B 269 2.34 -26.70 6.06
C VAL B 269 2.17 -28.21 5.92
N ARG B 270 0.95 -28.69 6.16
CA ARG B 270 0.68 -30.12 6.23
C ARG B 270 -0.69 -30.45 5.64
N THR B 271 -0.74 -30.62 4.33
CA THR B 271 -1.99 -30.88 3.62
C THR B 271 -2.50 -32.31 3.80
N ASN B 272 -3.78 -32.53 3.44
CA ASN B 272 -4.46 -33.82 3.57
C ASN B 272 -4.31 -34.50 4.93
N LEU B 273 -4.41 -33.69 5.99
CA LEU B 273 -4.25 -34.18 7.36
C LEU B 273 -5.31 -33.60 8.29
N ASN B 274 -5.81 -34.44 9.19
CA ASN B 274 -6.83 -34.02 10.14
C ASN B 274 -6.72 -34.79 11.46
N PRO B 275 -6.70 -34.06 12.60
CA PRO B 275 -6.68 -34.70 13.92
C PRO B 275 -7.97 -35.46 14.24
N THR B 276 -7.85 -36.46 15.11
CA THR B 276 -9.00 -37.31 15.49
C THR B 276 -9.09 -37.58 16.99
N LYS B 277 -7.93 -37.60 17.66
CA LYS B 277 -7.88 -37.85 19.10
C LYS B 277 -6.89 -36.91 19.77
N ILE B 278 -7.29 -36.32 20.89
CA ILE B 278 -6.43 -35.42 21.67
C ILE B 278 -6.52 -35.75 23.16
N THR B 279 -5.35 -35.89 23.80
CA THR B 279 -5.26 -36.16 25.24
C THR B 279 -4.18 -35.30 25.87
N LYS B 280 -4.36 -34.94 27.14
CA LYS B 280 -3.41 -34.09 27.86
C LYS B 280 -2.33 -34.92 28.58
N ASN B 281 -1.15 -34.31 28.75
CA ASN B 281 0.00 -35.01 29.34
C ASN B 281 0.34 -34.58 30.77
N GLU B 282 1.47 -35.07 31.28
CA GLU B 282 1.93 -34.82 32.64
C GLU B 282 2.71 -33.51 32.80
N ASP B 283 2.62 -32.63 31.80
CA ASP B 283 3.29 -31.34 31.84
C ASP B 283 2.39 -30.22 31.30
N GLY B 284 1.18 -30.58 30.89
CA GLY B 284 0.22 -29.63 30.35
C GLY B 284 0.06 -29.74 28.85
N SER B 285 1.15 -30.07 28.16
CA SER B 285 1.16 -30.22 26.70
C SER B 285 0.15 -31.26 26.22
N ASN B 286 -0.37 -31.06 25.01
CA ASN B 286 -1.39 -31.94 24.45
C ASN B 286 -0.84 -32.94 23.42
N HIS B 287 -1.27 -34.18 23.53
CA HIS B 287 -0.88 -35.24 22.61
C HIS B 287 -1.95 -35.39 21.54
N VAL B 288 -1.54 -35.24 20.27
CA VAL B 288 -2.48 -35.22 19.15
C VAL B 288 -2.32 -36.44 18.23
N HIS B 289 -3.45 -37.05 17.89
CA HIS B 289 -3.50 -38.20 16.99
C HIS B 289 -4.15 -37.80 15.66
N PHE B 290 -3.44 -38.02 14.56
CA PHE B 290 -3.85 -37.53 13.24
C PHE B 290 -4.61 -38.57 12.40
N ASN B 291 -4.75 -38.27 11.10
CA ASN B 291 -5.36 -39.18 10.14
C ASN B 291 -4.42 -40.31 9.70
N ASP B 292 -3.19 -39.94 9.33
CA ASP B 292 -2.20 -40.90 8.85
C ASP B 292 -1.67 -41.83 9.95
N GLY B 293 -2.10 -41.58 11.18
CA GLY B 293 -1.74 -42.44 12.31
C GLY B 293 -0.63 -41.91 13.20
N THR B 294 0.00 -40.80 12.79
CA THR B 294 1.11 -40.22 13.55
C THR B 294 0.64 -39.57 14.86
N GLU B 295 1.58 -39.42 15.78
CA GLU B 295 1.34 -38.79 17.07
C GLU B 295 2.42 -37.75 17.33
N GLU B 296 2.01 -36.51 17.59
CA GLU B 296 2.94 -35.44 17.94
C GLU B 296 2.49 -34.64 19.16
N ASP B 297 3.45 -33.98 19.81
CA ASP B 297 3.19 -33.23 21.04
C ASP B 297 3.20 -31.72 20.81
N TYR B 298 2.06 -31.09 21.09
CA TYR B 298 1.92 -29.64 20.95
C TYR B 298 1.54 -28.99 22.28
N ASP B 299 2.17 -27.85 22.56
CA ASP B 299 1.86 -27.05 23.74
C ASP B 299 0.46 -26.45 23.65
N GLN B 300 0.11 -25.99 22.45
CA GLN B 300 -1.22 -25.46 22.17
C GLN B 300 -1.72 -25.94 20.81
N VAL B 301 -3.03 -26.16 20.72
CA VAL B 301 -3.66 -26.55 19.46
C VAL B 301 -4.91 -25.71 19.17
N MET B 302 -4.82 -24.86 18.14
CA MET B 302 -5.91 -23.93 17.80
C MET B 302 -6.76 -24.47 16.65
N LEU B 303 -8.07 -24.31 16.79
CA LEU B 303 -9.01 -24.78 15.78
C LEU B 303 -9.62 -23.62 15.00
N ALA B 304 -9.25 -23.52 13.72
CA ALA B 304 -9.84 -22.55 12.81
C ALA B 304 -10.80 -23.26 11.86
N ILE B 305 -11.75 -23.98 12.45
CA ILE B 305 -12.71 -24.82 11.72
C ILE B 305 -13.76 -23.98 10.97
N GLY B 306 -14.29 -22.96 11.63
CA GLY B 306 -15.31 -22.09 11.02
C GLY B 306 -16.01 -21.22 12.04
N ARG B 307 -16.97 -20.44 11.58
CA ARG B 307 -17.78 -19.60 12.47
C ARG B 307 -19.27 -19.73 12.16
N VAL B 308 -20.00 -20.36 13.08
CA VAL B 308 -21.45 -20.51 12.97
C VAL B 308 -22.17 -19.30 13.58
N PRO B 309 -23.22 -18.80 12.91
CA PRO B 309 -23.98 -17.66 13.41
C PRO B 309 -24.47 -17.89 14.85
N ARG B 310 -24.27 -16.88 15.70
CA ARG B 310 -24.60 -16.98 17.12
C ARG B 310 -26.07 -16.61 17.37
N SER B 311 -26.94 -17.61 17.33
CA SER B 311 -28.38 -17.40 17.44
C SER B 311 -29.08 -18.52 18.20
N GLN B 312 -28.29 -19.42 18.79
CA GLN B 312 -28.82 -20.58 19.49
C GLN B 312 -29.60 -20.20 20.75
N ALA B 313 -29.18 -19.12 21.39
CA ALA B 313 -29.78 -18.68 22.67
C ALA B 313 -30.83 -17.56 22.52
N LEU B 314 -30.97 -17.02 21.31
CA LEU B 314 -31.81 -15.84 21.08
C LEU B 314 -33.32 -16.12 21.06
N GLN B 315 -33.69 -17.41 21.10
CA GLN B 315 -35.09 -17.84 21.08
C GLN B 315 -35.89 -17.21 19.92
N LEU B 316 -35.42 -17.46 18.69
CA LEU B 316 -36.07 -16.92 17.49
C LEU B 316 -37.42 -17.59 17.24
N ASP B 317 -37.56 -18.83 17.71
CA ASP B 317 -38.79 -19.61 17.62
C ASP B 317 -39.97 -18.91 18.30
N LYS B 318 -39.72 -18.35 19.50
CA LYS B 318 -40.73 -17.65 20.28
C LYS B 318 -41.34 -16.45 19.54
N ALA B 319 -40.51 -15.76 18.77
CA ALA B 319 -40.94 -14.61 17.98
C ALA B 319 -41.31 -15.01 16.54
N GLY B 320 -40.86 -16.20 16.13
CA GLY B 320 -41.12 -16.70 14.78
C GLY B 320 -40.18 -16.13 13.74
N VAL B 321 -38.88 -16.13 14.05
CA VAL B 321 -37.84 -15.68 13.12
C VAL B 321 -37.17 -16.91 12.49
N ARG B 322 -37.19 -16.97 11.17
CA ARG B 322 -36.73 -18.15 10.44
C ARG B 322 -35.24 -18.43 10.55
N THR B 323 -34.91 -19.60 11.11
CA THR B 323 -33.54 -20.06 11.30
C THR B 323 -33.22 -21.21 10.34
N GLY B 324 -32.16 -21.05 9.55
CA GLY B 324 -31.84 -22.00 8.49
C GLY B 324 -30.48 -22.69 8.56
N LYS B 325 -29.59 -22.30 7.63
CA LYS B 325 -28.29 -22.96 7.45
C LYS B 325 -27.35 -22.72 8.64
N ASN B 326 -27.29 -23.71 9.53
CA ASN B 326 -26.47 -23.66 10.75
C ASN B 326 -26.86 -22.55 11.74
N GLY B 327 -28.15 -22.23 11.80
CA GLY B 327 -28.66 -21.19 12.69
C GLY B 327 -28.65 -19.79 12.11
N ALA B 328 -28.37 -19.70 10.81
CA ALA B 328 -28.37 -18.41 10.11
C ALA B 328 -29.79 -17.82 10.09
N VAL B 329 -29.87 -16.50 10.17
CA VAL B 329 -31.16 -15.82 10.18
C VAL B 329 -31.60 -15.49 8.75
N GLN B 330 -32.73 -16.06 8.34
CA GLN B 330 -33.29 -15.85 7.00
C GLN B 330 -33.68 -14.39 6.77
N VAL B 331 -32.94 -13.74 5.88
CA VAL B 331 -33.20 -12.34 5.53
C VAL B 331 -33.33 -12.14 4.03
N ASP B 332 -33.98 -11.05 3.64
CA ASP B 332 -34.01 -10.63 2.24
C ASP B 332 -32.89 -9.63 1.96
N ALA B 333 -32.96 -8.96 0.81
CA ALA B 333 -31.93 -8.01 0.40
C ALA B 333 -31.82 -6.77 1.28
N TYR B 334 -32.88 -6.50 2.05
CA TYR B 334 -32.93 -5.33 2.93
C TYR B 334 -32.79 -5.67 4.41
N SER B 335 -32.34 -6.91 4.68
CA SER B 335 -32.07 -7.41 6.03
C SER B 335 -33.31 -7.77 6.86
N LYS B 336 -34.49 -7.61 6.27
CA LYS B 336 -35.76 -7.92 6.96
C LYS B 336 -35.98 -9.42 7.11
N THR B 337 -36.37 -9.83 8.32
CA THR B 337 -36.61 -11.24 8.62
C THR B 337 -38.04 -11.64 8.28
N SER B 338 -38.46 -12.81 8.77
CA SER B 338 -39.82 -13.32 8.55
C SER B 338 -40.90 -12.45 9.21
N VAL B 339 -40.52 -11.69 10.24
CA VAL B 339 -41.40 -10.71 10.89
C VAL B 339 -41.01 -9.30 10.43
N ASP B 340 -42.00 -8.49 10.07
CA ASP B 340 -41.79 -7.19 9.42
C ASP B 340 -40.97 -6.15 10.18
N ASN B 341 -41.04 -6.19 11.51
CA ASN B 341 -40.32 -5.23 12.35
C ASN B 341 -38.97 -5.74 12.86
N ILE B 342 -38.75 -7.04 12.71
CA ILE B 342 -37.50 -7.67 13.14
C ILE B 342 -36.50 -7.76 11.97
N TYR B 343 -35.27 -7.34 12.24
CA TYR B 343 -34.21 -7.31 11.23
C TYR B 343 -32.95 -7.99 11.76
N ALA B 344 -32.06 -8.38 10.85
CA ALA B 344 -30.78 -8.97 11.21
C ALA B 344 -29.67 -8.57 10.24
N ILE B 345 -28.50 -8.25 10.79
CA ILE B 345 -27.33 -7.86 9.99
C ILE B 345 -26.06 -8.53 10.52
N GLY B 346 -25.01 -8.49 9.70
CA GLY B 346 -23.70 -9.02 10.07
C GLY B 346 -23.59 -10.52 9.95
N ASP B 347 -22.65 -11.09 10.71
CA ASP B 347 -22.32 -12.52 10.61
C ASP B 347 -23.49 -13.45 10.93
N VAL B 348 -24.45 -12.96 11.69
CA VAL B 348 -25.61 -13.77 12.09
C VAL B 348 -26.49 -14.15 10.88
N THR B 349 -26.38 -13.38 9.80
CA THR B 349 -27.11 -13.67 8.56
C THR B 349 -26.32 -14.62 7.66
N ASN B 350 -25.02 -14.73 7.92
CA ASN B 350 -24.11 -15.65 7.20
C ASN B 350 -24.00 -15.35 5.69
N ARG B 351 -24.08 -14.08 5.34
CA ARG B 351 -23.89 -13.66 3.95
C ARG B 351 -22.41 -13.52 3.64
N VAL B 352 -21.84 -12.35 3.94
CA VAL B 352 -20.38 -12.15 3.83
C VAL B 352 -19.85 -11.70 5.19
N MET B 353 -19.13 -12.59 5.88
CA MET B 353 -18.69 -12.36 7.25
C MET B 353 -17.46 -11.46 7.36
N LEU B 354 -17.66 -10.16 7.16
CA LEU B 354 -16.60 -9.17 7.31
C LEU B 354 -17.11 -7.97 8.11
N THR B 355 -16.16 -7.20 8.66
CA THR B 355 -16.48 -5.99 9.43
C THR B 355 -17.15 -4.89 8.57
N PRO B 356 -16.54 -4.52 7.42
CA PRO B 356 -17.12 -3.41 6.64
C PRO B 356 -18.42 -3.77 5.92
N VAL B 357 -18.69 -5.07 5.80
CA VAL B 357 -19.95 -5.56 5.23
C VAL B 357 -21.09 -5.29 6.21
N ALA B 358 -20.91 -5.71 7.46
CA ALA B 358 -21.89 -5.50 8.53
C ALA B 358 -22.17 -4.02 8.77
N ILE B 359 -21.13 -3.20 8.69
CA ILE B 359 -21.25 -1.74 8.83
C ILE B 359 -22.15 -1.18 7.72
N ASN B 360 -21.93 -1.66 6.50
CA ASN B 360 -22.76 -1.27 5.37
C ASN B 360 -24.19 -1.77 5.51
N GLU B 361 -24.34 -3.04 5.92
CA GLU B 361 -25.65 -3.64 6.17
C GLU B 361 -26.44 -2.88 7.24
N GLY B 362 -25.73 -2.38 8.24
CA GLY B 362 -26.31 -1.59 9.32
C GLY B 362 -26.75 -0.21 8.88
N ALA B 363 -25.87 0.46 8.13
CA ALA B 363 -26.18 1.79 7.59
C ALA B 363 -27.34 1.72 6.60
N ALA B 364 -27.41 0.63 5.82
CA ALA B 364 -28.49 0.40 4.86
C ALA B 364 -29.81 0.09 5.55
N PHE B 365 -29.73 -0.60 6.69
CA PHE B 365 -30.90 -0.88 7.52
C PHE B 365 -31.53 0.41 8.05
N VAL B 366 -30.69 1.31 8.57
CA VAL B 366 -31.14 2.59 9.12
C VAL B 366 -31.83 3.42 8.03
N GLU B 367 -31.16 3.58 6.89
CA GLU B 367 -31.71 4.30 5.74
C GLU B 367 -33.07 3.76 5.30
N THR B 368 -33.23 2.44 5.38
CA THR B 368 -34.47 1.77 4.98
C THR B 368 -35.64 2.11 5.90
N VAL B 369 -35.51 1.79 7.19
CA VAL B 369 -36.64 1.94 8.11
C VAL B 369 -36.81 3.35 8.68
N PHE B 370 -35.72 3.95 9.16
CA PHE B 370 -35.79 5.26 9.81
C PHE B 370 -35.48 6.44 8.88
N GLY B 371 -34.75 6.17 7.80
CA GLY B 371 -34.35 7.20 6.84
C GLY B 371 -35.38 7.48 5.75
N GLY B 372 -36.29 6.52 5.53
CA GLY B 372 -37.30 6.64 4.49
C GLY B 372 -36.83 6.01 3.19
N LYS B 373 -35.70 6.49 2.68
CA LYS B 373 -35.12 6.01 1.42
C LYS B 373 -34.40 4.66 1.59
N PRO B 374 -35.04 3.56 1.12
CA PRO B 374 -34.49 2.22 1.34
C PRO B 374 -33.28 1.93 0.46
N ARG B 375 -32.46 0.97 0.88
CA ARG B 375 -31.23 0.61 0.16
C ARG B 375 -30.74 -0.77 0.56
N ALA B 376 -30.32 -1.56 -0.43
CA ALA B 376 -29.84 -2.93 -0.20
C ALA B 376 -28.32 -3.01 -0.32
N THR B 377 -27.72 -3.91 0.44
CA THR B 377 -26.27 -4.07 0.48
C THR B 377 -25.75 -4.94 -0.68
N ASP B 378 -24.79 -4.39 -1.41
CA ASP B 378 -24.17 -5.06 -2.56
C ASP B 378 -23.11 -6.05 -2.07
N HIS B 379 -23.44 -7.34 -2.13
CA HIS B 379 -22.57 -8.40 -1.63
C HIS B 379 -21.52 -8.89 -2.63
N THR B 380 -21.68 -8.50 -3.90
CA THR B 380 -20.76 -8.90 -4.95
C THR B 380 -19.65 -7.86 -5.15
N LYS B 381 -18.50 -8.33 -5.63
CA LYS B 381 -17.32 -7.49 -5.89
C LYS B 381 -16.84 -6.73 -4.65
N VAL B 382 -16.80 -7.44 -3.52
CA VAL B 382 -16.35 -6.86 -2.25
C VAL B 382 -14.89 -7.24 -1.99
N ALA B 383 -14.03 -6.23 -1.96
CA ALA B 383 -12.61 -6.43 -1.74
C ALA B 383 -12.31 -6.77 -0.28
N CYS B 384 -11.60 -7.88 -0.07
CA CYS B 384 -11.14 -8.25 1.26
C CYS B 384 -9.68 -8.66 1.23
N ALA B 385 -9.11 -8.89 2.41
CA ALA B 385 -7.70 -9.24 2.53
C ALA B 385 -7.46 -10.37 3.52
N VAL B 386 -6.32 -11.04 3.38
CA VAL B 386 -5.87 -12.03 4.36
C VAL B 386 -4.55 -11.55 4.93
N PHE B 387 -4.53 -11.25 6.22
CA PHE B 387 -3.34 -10.71 6.87
C PHE B 387 -2.37 -11.81 7.31
N SER B 388 -2.00 -12.65 6.34
CA SER B 388 -0.92 -13.62 6.49
C SER B 388 0.40 -12.88 6.36
N ILE B 389 1.49 -13.50 6.81
CA ILE B 389 2.80 -12.83 6.81
C ILE B 389 3.17 -12.23 5.44
N PRO B 390 3.08 -13.02 4.35
CA PRO B 390 2.87 -12.37 3.06
C PRO B 390 1.37 -12.19 2.81
N PRO B 391 0.86 -10.95 2.84
CA PRO B 391 -0.59 -10.72 2.82
C PRO B 391 -1.24 -10.85 1.44
N ILE B 392 -2.51 -11.25 1.42
CA ILE B 392 -3.29 -11.42 0.19
C ILE B 392 -4.29 -10.29 0.03
N GLY B 393 -4.50 -9.85 -1.22
CA GLY B 393 -5.52 -8.86 -1.55
C GLY B 393 -6.31 -9.27 -2.77
N THR B 394 -7.55 -9.72 -2.55
CA THR B 394 -8.42 -10.19 -3.63
C THR B 394 -9.72 -9.40 -3.75
N CYS B 395 -10.24 -9.35 -4.97
CA CYS B 395 -11.54 -8.77 -5.26
C CYS B 395 -12.08 -9.33 -6.56
N GLY B 396 -13.26 -9.93 -6.51
CA GLY B 396 -13.89 -10.48 -7.71
C GLY B 396 -13.74 -11.98 -7.85
N MET B 397 -13.78 -12.45 -9.09
CA MET B 397 -13.84 -13.88 -9.40
C MET B 397 -12.47 -14.52 -9.68
N THR B 398 -12.35 -15.79 -9.33
CA THR B 398 -11.17 -16.59 -9.66
C THR B 398 -11.25 -17.05 -11.12
N GLU B 399 -10.25 -17.81 -11.57
CA GLU B 399 -10.27 -18.41 -12.90
C GLU B 399 -11.42 -19.40 -13.00
N GLU B 400 -11.45 -20.34 -12.06
CA GLU B 400 -12.42 -21.42 -12.03
C GLU B 400 -13.86 -20.93 -12.12
N GLU B 401 -14.16 -19.85 -11.40
CA GLU B 401 -15.51 -19.30 -11.34
C GLU B 401 -15.87 -18.49 -12.60
N ALA B 402 -14.90 -17.71 -13.10
CA ALA B 402 -15.12 -16.89 -14.30
C ALA B 402 -15.22 -17.73 -15.56
N ALA B 403 -14.46 -18.83 -15.61
CA ALA B 403 -14.51 -19.76 -16.74
C ALA B 403 -15.78 -20.61 -16.70
N LYS B 404 -16.34 -20.75 -15.49
CA LYS B 404 -17.58 -21.49 -15.27
C LYS B 404 -18.78 -20.81 -15.94
N ASN B 405 -18.96 -19.52 -15.69
CA ASN B 405 -20.12 -18.78 -16.22
C ASN B 405 -19.82 -17.55 -17.07
N TYR B 406 -18.78 -17.64 -17.89
CA TYR B 406 -18.49 -16.60 -18.90
C TYR B 406 -18.06 -17.23 -20.22
N GLU B 407 -18.47 -16.60 -21.32
CA GLU B 407 -18.23 -17.11 -22.68
C GLU B 407 -16.74 -17.40 -22.93
N THR B 408 -15.94 -16.34 -22.85
CA THR B 408 -14.50 -16.43 -23.05
C THR B 408 -13.78 -15.46 -22.09
N VAL B 409 -12.75 -15.96 -21.41
CA VAL B 409 -12.03 -15.17 -20.41
C VAL B 409 -10.51 -15.19 -20.59
N ALA B 410 -9.90 -14.00 -20.49
CA ALA B 410 -8.45 -13.84 -20.55
C ALA B 410 -7.86 -13.86 -19.15
N VAL B 411 -6.65 -14.39 -19.02
CA VAL B 411 -5.96 -14.45 -17.73
C VAL B 411 -4.59 -13.77 -17.80
N TYR B 412 -4.46 -12.66 -17.08
CA TYR B 412 -3.21 -11.89 -17.00
C TYR B 412 -2.43 -12.28 -15.76
N ALA B 413 -1.11 -12.38 -15.87
CA ALA B 413 -0.26 -12.80 -14.75
C ALA B 413 1.08 -12.08 -14.74
N SER B 414 1.58 -11.83 -13.53
CA SER B 414 2.83 -11.11 -13.33
C SER B 414 3.40 -11.40 -11.94
N SER B 415 4.59 -12.00 -11.90
CA SER B 415 5.30 -12.25 -10.66
C SER B 415 6.67 -11.57 -10.68
N PHE B 416 6.97 -10.79 -9.66
CA PHE B 416 8.24 -10.06 -9.58
C PHE B 416 8.74 -9.91 -8.15
N THR B 417 10.06 -9.99 -7.99
CA THR B 417 10.70 -9.79 -6.70
C THR B 417 11.08 -8.32 -6.53
N PRO B 418 10.50 -7.63 -5.52
CA PRO B 418 10.80 -6.23 -5.26
C PRO B 418 12.30 -6.01 -5.14
N LEU B 419 12.83 -4.99 -5.80
CA LEU B 419 14.27 -4.80 -5.94
C LEU B 419 15.06 -4.82 -4.64
N MET B 420 14.44 -4.31 -3.57
CA MET B 420 15.05 -4.26 -2.25
C MET B 420 15.43 -5.64 -1.67
N HIS B 421 14.71 -6.68 -2.09
CA HIS B 421 14.89 -8.02 -1.54
C HIS B 421 16.17 -8.73 -1.98
N ASN B 422 16.86 -8.15 -2.95
CA ASN B 422 18.18 -8.63 -3.34
C ASN B 422 19.22 -8.22 -2.30
N ILE B 423 18.88 -7.19 -1.53
CA ILE B 423 19.72 -6.70 -0.42
C ILE B 423 19.29 -7.31 0.92
N SER B 424 17.98 -7.33 1.16
CA SER B 424 17.43 -7.81 2.43
C SER B 424 17.65 -9.31 2.67
N GLY B 425 17.76 -10.06 1.58
CA GLY B 425 18.01 -11.50 1.67
C GLY B 425 16.76 -12.34 1.53
N SER B 426 15.61 -11.73 1.81
CA SER B 426 14.32 -12.43 1.68
C SER B 426 13.89 -12.51 0.21
N LYS B 427 14.59 -13.33 -0.56
CA LYS B 427 14.35 -13.47 -2.00
C LYS B 427 13.13 -14.33 -2.31
N HIS B 428 12.58 -14.98 -1.28
CA HIS B 428 11.35 -15.76 -1.40
C HIS B 428 10.12 -14.86 -1.51
N LYS B 429 10.24 -13.65 -0.97
CA LYS B 429 9.15 -12.66 -0.99
C LYS B 429 8.91 -12.13 -2.40
N GLU B 430 7.96 -12.76 -3.09
CA GLU B 430 7.67 -12.46 -4.48
C GLU B 430 6.27 -11.85 -4.60
N PHE B 431 6.20 -10.62 -5.10
CA PHE B 431 4.92 -9.97 -5.33
C PHE B 431 4.25 -10.54 -6.58
N MET B 432 2.95 -10.82 -6.48
CA MET B 432 2.21 -11.45 -7.55
C MET B 432 0.87 -10.77 -7.78
N ILE B 433 0.60 -10.41 -9.04
CA ILE B 433 -0.71 -9.89 -9.43
C ILE B 433 -1.27 -10.73 -10.57
N ARG B 434 -2.54 -11.12 -10.43
CA ARG B 434 -3.22 -11.89 -11.45
C ARG B 434 -4.59 -11.29 -11.73
N ILE B 435 -4.73 -10.67 -12.91
CA ILE B 435 -6.01 -10.08 -13.31
C ILE B 435 -6.77 -11.06 -14.21
N ILE B 436 -8.06 -11.22 -13.93
CA ILE B 436 -8.94 -12.09 -14.70
C ILE B 436 -10.02 -11.26 -15.38
N THR B 437 -10.01 -11.25 -16.71
CA THR B 437 -10.94 -10.42 -17.48
C THR B 437 -11.82 -11.22 -18.44
N ASN B 438 -13.00 -10.67 -18.71
CA ASN B 438 -13.86 -11.17 -19.77
C ASN B 438 -13.26 -10.78 -21.12
N GLU B 439 -12.97 -11.77 -21.96
CA GLU B 439 -12.34 -11.55 -23.27
C GLU B 439 -13.23 -10.71 -24.19
N SER B 440 -14.53 -11.02 -24.20
CA SER B 440 -15.51 -10.31 -25.04
C SER B 440 -15.46 -8.79 -24.82
N ASN B 441 -15.57 -8.36 -23.56
CA ASN B 441 -15.66 -6.96 -23.20
C ASN B 441 -14.33 -6.33 -22.78
N GLY B 442 -13.50 -7.11 -22.10
CA GLY B 442 -12.26 -6.60 -21.51
C GLY B 442 -12.47 -6.27 -20.03
N GLU B 443 -13.68 -6.51 -19.55
CA GLU B 443 -14.08 -6.18 -18.19
C GLU B 443 -13.30 -6.99 -17.16
N VAL B 444 -12.73 -6.28 -16.19
CA VAL B 444 -12.01 -6.91 -15.08
C VAL B 444 -13.00 -7.58 -14.14
N LEU B 445 -12.93 -8.91 -14.06
CA LEU B 445 -13.86 -9.71 -13.25
C LEU B 445 -13.24 -10.13 -11.92
N GLY B 446 -11.93 -9.98 -11.80
CA GLY B 446 -11.21 -10.33 -10.58
C GLY B 446 -9.74 -9.94 -10.61
N VAL B 447 -9.26 -9.38 -9.50
CA VAL B 447 -7.84 -9.09 -9.31
C VAL B 447 -7.35 -9.77 -8.04
N HIS B 448 -6.23 -10.49 -8.14
CA HIS B 448 -5.71 -11.28 -7.04
C HIS B 448 -4.23 -10.99 -6.80
N MET B 449 -3.90 -10.62 -5.56
CA MET B 449 -2.55 -10.18 -5.22
C MET B 449 -1.96 -10.92 -4.03
N LEU B 450 -0.64 -11.07 -4.04
CA LEU B 450 0.09 -11.63 -2.91
C LEU B 450 1.41 -10.88 -2.72
N GLY B 451 1.61 -10.34 -1.51
CA GLY B 451 2.80 -9.57 -1.19
C GLY B 451 2.49 -8.37 -0.33
N ASP B 452 3.53 -7.68 0.12
CA ASP B 452 3.37 -6.52 1.00
C ASP B 452 2.69 -5.38 0.28
N SER B 453 1.75 -4.73 0.98
CA SER B 453 0.92 -3.63 0.47
C SER B 453 -0.36 -4.09 -0.25
N ALA B 454 -0.50 -5.40 -0.48
CA ALA B 454 -1.66 -5.96 -1.18
C ALA B 454 -3.03 -5.57 -0.58
N PRO B 455 -3.19 -5.67 0.76
CA PRO B 455 -4.45 -5.24 1.38
C PRO B 455 -4.76 -3.76 1.17
N GLU B 456 -3.73 -2.94 1.02
CA GLU B 456 -3.90 -1.52 0.77
C GLU B 456 -4.26 -1.25 -0.70
N ILE B 457 -3.56 -1.93 -1.60
CA ILE B 457 -3.77 -1.77 -3.04
C ILE B 457 -5.15 -2.26 -3.48
N ILE B 458 -5.58 -3.40 -2.94
CA ILE B 458 -6.86 -4.03 -3.33
C ILE B 458 -8.08 -3.17 -2.98
N GLN B 459 -7.93 -2.23 -2.05
CA GLN B 459 -9.02 -1.35 -1.66
C GLN B 459 -9.48 -0.45 -2.80
N SER B 460 -8.53 0.24 -3.43
CA SER B 460 -8.83 1.14 -4.54
C SER B 460 -9.06 0.38 -5.85
N VAL B 461 -8.65 -0.89 -5.90
CA VAL B 461 -9.01 -1.77 -6.99
C VAL B 461 -10.51 -2.07 -6.91
N GLY B 462 -11.00 -2.31 -5.68
CA GLY B 462 -12.41 -2.55 -5.42
C GLY B 462 -13.31 -1.39 -5.83
N ILE B 463 -12.76 -0.17 -5.77
CA ILE B 463 -13.45 1.02 -6.27
C ILE B 463 -13.64 0.94 -7.78
N CYS B 464 -12.58 0.52 -8.48
CA CYS B 464 -12.60 0.37 -9.94
C CYS B 464 -13.54 -0.72 -10.42
N MET B 465 -13.55 -1.85 -9.72
CA MET B 465 -14.42 -2.97 -10.09
C MET B 465 -15.88 -2.67 -9.80
N LYS B 466 -16.13 -1.83 -8.80
CA LYS B 466 -17.48 -1.33 -8.51
C LYS B 466 -17.91 -0.30 -9.57
N MET B 467 -16.93 0.42 -10.13
CA MET B 467 -17.16 1.30 -11.26
C MET B 467 -17.30 0.53 -12.58
N GLY B 468 -16.99 -0.77 -12.53
CA GLY B 468 -17.01 -1.64 -13.71
C GLY B 468 -15.92 -1.25 -14.69
N ALA B 469 -14.66 -1.49 -14.31
CA ALA B 469 -13.51 -1.08 -15.10
C ALA B 469 -13.00 -2.17 -16.03
N LYS B 470 -12.32 -1.74 -17.10
CA LYS B 470 -11.74 -2.66 -18.08
C LYS B 470 -10.22 -2.72 -17.97
N ILE B 471 -9.62 -3.80 -18.45
CA ILE B 471 -8.16 -3.99 -18.44
C ILE B 471 -7.45 -2.86 -19.21
N SER B 472 -8.16 -2.28 -20.17
CA SER B 472 -7.65 -1.13 -20.93
C SER B 472 -7.55 0.14 -20.08
N ASP B 473 -8.37 0.20 -19.02
CA ASP B 473 -8.31 1.30 -18.05
C ASP B 473 -7.07 1.23 -17.15
N PHE B 474 -6.51 0.03 -17.03
CA PHE B 474 -5.37 -0.22 -16.17
C PHE B 474 -4.06 0.18 -16.85
N HIS B 475 -3.71 -0.51 -17.93
CA HIS B 475 -2.44 -0.31 -18.62
C HIS B 475 -2.37 0.98 -19.45
N SER B 476 -3.34 1.87 -19.25
CA SER B 476 -3.33 3.18 -19.90
C SER B 476 -3.05 4.30 -18.90
N THR B 477 -2.99 3.94 -17.62
CA THR B 477 -2.64 4.87 -16.56
C THR B 477 -1.13 4.88 -16.37
N ILE B 478 -0.54 6.08 -16.42
CA ILE B 478 0.89 6.24 -16.19
C ILE B 478 1.19 5.88 -14.73
N GLY B 479 2.12 4.94 -14.56
CA GLY B 479 2.45 4.41 -13.24
C GLY B 479 3.20 5.35 -12.31
N VAL B 480 3.34 4.93 -11.06
CA VAL B 480 4.18 5.60 -10.08
C VAL B 480 5.36 4.66 -9.84
N HIS B 481 6.55 5.03 -10.31
CA HIS B 481 7.62 4.05 -10.57
C HIS B 481 8.06 3.09 -9.45
N PRO B 482 8.71 3.60 -8.37
CA PRO B 482 9.22 2.64 -7.40
C PRO B 482 8.13 2.12 -6.45
N THR B 483 7.09 1.50 -7.01
CA THR B 483 5.99 0.89 -6.25
C THR B 483 5.62 -0.49 -6.79
N SER B 484 4.93 -1.27 -5.97
CA SER B 484 4.45 -2.59 -6.36
C SER B 484 3.14 -2.49 -7.13
N ALA B 485 2.33 -1.49 -6.78
CA ALA B 485 1.01 -1.29 -7.36
C ALA B 485 1.05 -0.90 -8.84
N GLU B 486 2.14 -0.25 -9.26
CA GLU B 486 2.30 0.20 -10.65
C GLU B 486 2.34 -0.95 -11.65
N GLU B 487 2.51 -2.16 -11.14
CA GLU B 487 2.57 -3.36 -11.96
C GLU B 487 1.19 -3.75 -12.53
N LEU B 488 0.13 -3.23 -11.92
CA LEU B 488 -1.23 -3.34 -12.46
C LEU B 488 -1.35 -2.73 -13.85
N CYS B 489 -0.52 -1.73 -14.10
CA CYS B 489 -0.56 -0.96 -15.35
C CYS B 489 0.48 -1.43 -16.37
N SER B 490 1.11 -2.56 -16.10
CA SER B 490 2.13 -3.11 -16.99
C SER B 490 1.73 -4.44 -17.63
N MET B 491 0.51 -4.88 -17.35
CA MET B 491 0.00 -6.14 -17.91
C MET B 491 -0.86 -5.91 -19.15
N ARG B 492 -0.25 -6.13 -20.32
CA ARG B 492 -0.91 -5.96 -21.62
C ARG B 492 -1.27 -7.29 -22.26
N THR B 493 -0.31 -8.23 -22.26
CA THR B 493 -0.48 -9.53 -22.89
C THR B 493 -0.97 -10.56 -21.87
N PRO B 494 -2.11 -11.22 -22.14
CA PRO B 494 -2.61 -12.28 -21.26
C PRO B 494 -1.73 -13.52 -21.31
N ALA B 495 -1.56 -14.17 -20.16
CA ALA B 495 -0.78 -15.40 -20.06
C ALA B 495 -1.43 -16.54 -20.85
N TYR B 496 -2.74 -16.71 -20.66
CA TYR B 496 -3.54 -17.70 -21.39
C TYR B 496 -5.03 -17.36 -21.33
N PHE B 497 -5.86 -18.22 -21.91
CA PHE B 497 -7.30 -17.98 -22.01
C PHE B 497 -8.13 -19.16 -21.50
N TYR B 498 -9.42 -18.91 -21.30
CA TYR B 498 -10.40 -19.97 -21.09
C TYR B 498 -11.51 -19.84 -22.15
N GLU B 499 -11.71 -20.91 -22.90
CA GLU B 499 -12.65 -20.91 -24.02
C GLU B 499 -13.83 -21.85 -23.73
N SER B 500 -14.98 -21.25 -23.42
CA SER B 500 -16.21 -21.97 -23.10
C SER B 500 -16.05 -23.03 -21.98
N GLY B 501 -15.07 -22.80 -21.11
CA GLY B 501 -14.84 -23.69 -19.97
C GLY B 501 -13.47 -24.34 -19.94
N LYS B 502 -12.90 -24.59 -21.11
CA LYS B 502 -11.59 -25.28 -21.23
C LYS B 502 -10.41 -24.31 -21.21
N ARG B 503 -9.31 -24.75 -20.60
CA ARG B 503 -8.08 -23.96 -20.50
C ARG B 503 -7.30 -24.03 -21.82
N VAL B 504 -7.25 -22.90 -22.54
CA VAL B 504 -6.52 -22.83 -23.81
C VAL B 504 -5.40 -21.80 -23.76
N GLU B 505 -4.24 -22.16 -24.29
CA GLU B 505 -3.07 -21.26 -24.28
C GLU B 505 -3.11 -20.24 -25.43
N LYS B 506 -3.97 -20.49 -26.43
CA LYS B 506 -4.14 -19.57 -27.56
C LYS B 506 -5.61 -19.43 -27.95
N LEU B 507 -5.93 -18.31 -28.60
CA LEU B 507 -7.30 -18.02 -29.04
C LEU B 507 -7.30 -17.63 -30.52
N SER B 508 -7.96 -18.44 -31.35
CA SER B 508 -7.99 -18.23 -32.80
C SER B 508 -8.91 -17.09 -33.23
#